data_2YTQ
#
_entry.id   2YTQ
#
loop_
_entity.id
_entity.type
_entity.pdbx_description
1 polymer 'Zinc finger protein 268'
2 non-polymer 'ZINC ION'
#
_entity_poly.entity_id   1
_entity_poly.type   'polypeptide(L)'
_entity_poly.pdbx_seq_one_letter_code
;GSSGSSGAGEKPYGCSECGKAFSSKSYLIIHMRTHSGEKPSGPSSG
;
_entity_poly.pdbx_strand_id   A
#
loop_
_chem_comp.id
_chem_comp.type
_chem_comp.name
_chem_comp.formula
ZN non-polymer 'ZINC ION' 'Zn 2'
#
# COMPACT_ATOMS: atom_id res chain seq x y z
N GLY A 1 -2.08 -15.15 -21.87
CA GLY A 1 -1.80 -13.80 -21.44
C GLY A 1 -0.89 -13.74 -20.24
N SER A 2 -0.90 -12.60 -19.54
CA SER A 2 -0.06 -12.43 -18.36
C SER A 2 -0.91 -12.37 -17.10
N SER A 3 -0.44 -13.02 -16.04
CA SER A 3 -1.16 -13.05 -14.77
C SER A 3 -0.18 -13.13 -13.60
N GLY A 4 -0.08 -12.04 -12.85
CA GLY A 4 0.81 -12.00 -11.72
C GLY A 4 1.89 -10.94 -11.85
N SER A 5 3.14 -11.34 -11.67
CA SER A 5 4.26 -10.41 -11.78
C SER A 5 4.05 -9.43 -12.93
N SER A 6 4.49 -8.19 -12.73
CA SER A 6 4.35 -7.15 -13.75
C SER A 6 5.26 -7.44 -14.94
N GLY A 7 6.52 -7.74 -14.66
CA GLY A 7 7.47 -8.03 -15.71
C GLY A 7 8.79 -7.33 -15.52
N ALA A 8 8.76 -6.00 -15.57
CA ALA A 8 9.97 -5.19 -15.40
C ALA A 8 10.21 -4.89 -13.93
N GLY A 9 9.98 -5.88 -13.07
CA GLY A 9 10.18 -5.69 -11.64
C GLY A 9 9.11 -4.83 -11.02
N GLU A 10 8.40 -5.38 -10.04
CA GLU A 10 7.34 -4.66 -9.36
C GLU A 10 7.90 -3.45 -8.61
N LYS A 11 7.02 -2.52 -8.26
CA LYS A 11 7.42 -1.31 -7.55
C LYS A 11 7.58 -1.60 -6.06
N PRO A 12 8.57 -0.93 -5.44
CA PRO A 12 8.85 -1.09 -4.01
C PRO A 12 7.77 -0.48 -3.13
N TYR A 13 6.97 0.41 -3.71
CA TYR A 13 5.90 1.07 -2.98
C TYR A 13 4.54 0.57 -3.45
N GLY A 14 4.15 -0.60 -2.97
CA GLY A 14 2.87 -1.18 -3.35
C GLY A 14 2.05 -1.60 -2.14
N CYS A 15 0.96 -0.88 -1.90
CA CYS A 15 0.08 -1.18 -0.79
C CYS A 15 -0.51 -2.59 -0.90
N SER A 16 -0.57 -3.30 0.21
CA SER A 16 -1.10 -4.65 0.24
C SER A 16 -2.50 -4.69 0.85
N GLU A 17 -2.75 -3.75 1.77
CA GLU A 17 -4.05 -3.67 2.43
C GLU A 17 -5.19 -3.78 1.43
N CYS A 18 -5.12 -2.97 0.37
CA CYS A 18 -6.14 -2.97 -0.67
C CYS A 18 -5.54 -3.38 -2.01
N GLY A 19 -4.34 -2.91 -2.29
CA GLY A 19 -3.68 -3.24 -3.54
C GLY A 19 -3.51 -2.03 -4.45
N LYS A 20 -2.84 -1.00 -3.94
CA LYS A 20 -2.61 0.21 -4.71
C LYS A 20 -1.13 0.56 -4.77
N ALA A 21 -0.61 0.75 -5.97
CA ALA A 21 0.80 1.09 -6.15
C ALA A 21 0.98 2.60 -6.29
N PHE A 22 2.21 3.05 -6.05
CA PHE A 22 2.53 4.48 -6.14
C PHE A 22 3.97 4.69 -6.58
N SER A 23 4.18 5.68 -7.44
CA SER A 23 5.51 5.98 -7.95
C SER A 23 6.24 6.96 -7.02
N SER A 24 5.94 6.87 -5.73
CA SER A 24 6.55 7.75 -4.74
C SER A 24 6.29 7.23 -3.32
N LYS A 25 7.35 6.78 -2.66
CA LYS A 25 7.24 6.27 -1.30
C LYS A 25 6.34 7.17 -0.44
N SER A 26 6.75 8.43 -0.28
CA SER A 26 5.98 9.38 0.51
C SER A 26 4.49 9.24 0.24
N TYR A 27 4.14 9.13 -1.04
CA TYR A 27 2.75 8.99 -1.44
C TYR A 27 2.10 7.79 -0.76
N LEU A 28 2.76 6.63 -0.86
CA LEU A 28 2.25 5.41 -0.25
C LEU A 28 1.87 5.65 1.21
N ILE A 29 2.76 6.31 1.94
CA ILE A 29 2.52 6.60 3.35
C ILE A 29 1.19 7.31 3.55
N ILE A 30 0.98 8.38 2.79
CA ILE A 30 -0.25 9.15 2.88
C ILE A 30 -1.48 8.26 2.63
N HIS A 31 -1.32 7.28 1.75
CA HIS A 31 -2.40 6.37 1.42
C HIS A 31 -2.65 5.38 2.57
N MET A 32 -1.57 4.93 3.18
CA MET A 32 -1.66 3.99 4.30
C MET A 32 -2.38 4.62 5.49
N ARG A 33 -2.41 5.95 5.52
CA ARG A 33 -3.05 6.68 6.60
C ARG A 33 -4.51 6.24 6.76
N THR A 34 -5.13 5.86 5.65
CA THR A 34 -6.52 5.42 5.65
C THR A 34 -6.60 3.90 5.72
N HIS A 35 -5.59 3.27 6.30
CA HIS A 35 -5.56 1.82 6.43
C HIS A 35 -5.30 1.41 7.88
N SER A 36 -4.35 2.08 8.52
CA SER A 36 -4.01 1.78 9.91
C SER A 36 -5.18 2.07 10.83
N GLY A 37 -5.23 1.36 11.95
CA GLY A 37 -6.31 1.55 12.92
C GLY A 37 -5.87 1.29 14.34
N GLU A 38 -6.85 1.17 15.24
CA GLU A 38 -6.56 0.92 16.65
C GLU A 38 -7.26 -0.35 17.12
N LYS A 39 -8.10 -0.92 16.26
CA LYS A 39 -8.82 -2.13 16.60
C LYS A 39 -8.69 -3.18 15.50
N PRO A 40 -8.61 -4.46 15.90
CA PRO A 40 -8.47 -5.57 14.95
C PRO A 40 -9.74 -5.80 14.13
N SER A 41 -10.86 -5.29 14.63
CA SER A 41 -12.14 -5.45 13.96
C SER A 41 -12.68 -4.09 13.50
N GLY A 42 -13.79 -4.12 12.77
CA GLY A 42 -14.39 -2.89 12.28
C GLY A 42 -15.80 -2.70 12.79
N PRO A 43 -15.94 -2.16 14.00
CA PRO A 43 -17.25 -1.91 14.62
C PRO A 43 -18.01 -0.78 13.94
N SER A 44 -19.21 -1.10 13.45
CA SER A 44 -20.03 -0.11 12.76
C SER A 44 -21.42 -0.04 13.39
N SER A 45 -21.45 0.09 14.71
CA SER A 45 -22.71 0.16 15.44
C SER A 45 -23.21 1.60 15.52
N GLY A 46 -22.52 2.49 14.82
CA GLY A 46 -22.90 3.89 14.82
C GLY A 46 -22.82 4.51 16.20
ZN ZN B . -4.28 0.56 0.37
N GLY A 1 17.88 -19.61 -15.91
CA GLY A 1 16.89 -18.64 -15.49
C GLY A 1 15.75 -19.27 -14.72
N SER A 2 14.59 -18.63 -14.74
CA SER A 2 13.41 -19.13 -14.04
C SER A 2 12.24 -19.30 -14.99
N SER A 3 12.52 -19.82 -16.18
CA SER A 3 11.49 -20.02 -17.19
C SER A 3 10.88 -18.69 -17.62
N GLY A 4 11.72 -17.68 -17.81
CA GLY A 4 11.25 -16.38 -18.21
C GLY A 4 10.35 -15.74 -17.17
N SER A 5 10.93 -14.87 -16.34
CA SER A 5 10.17 -14.20 -15.30
C SER A 5 9.97 -12.72 -15.64
N SER A 6 8.83 -12.41 -16.26
CA SER A 6 8.52 -11.04 -16.63
C SER A 6 7.97 -10.26 -15.45
N GLY A 7 7.00 -10.86 -14.75
CA GLY A 7 6.40 -10.20 -13.60
C GLY A 7 5.60 -8.98 -13.99
N ALA A 8 5.05 -8.29 -13.00
CA ALA A 8 4.26 -7.09 -13.24
C ALA A 8 4.89 -5.87 -12.57
N GLY A 9 5.93 -5.33 -13.20
CA GLY A 9 6.60 -4.16 -12.66
C GLY A 9 6.71 -4.21 -11.15
N GLU A 10 7.52 -5.13 -10.65
CA GLU A 10 7.72 -5.28 -9.21
C GLU A 10 8.22 -3.98 -8.59
N LYS A 11 7.31 -3.22 -7.98
CA LYS A 11 7.66 -1.96 -7.35
C LYS A 11 7.69 -2.10 -5.84
N PRO A 12 8.61 -1.37 -5.19
CA PRO A 12 8.76 -1.40 -3.73
C PRO A 12 7.59 -0.73 -3.02
N TYR A 13 7.12 0.38 -3.57
CA TYR A 13 6.01 1.11 -2.99
C TYR A 13 4.67 0.61 -3.52
N GLY A 14 4.16 -0.46 -2.90
CA GLY A 14 2.89 -1.02 -3.32
C GLY A 14 2.10 -1.61 -2.17
N CYS A 15 1.04 -0.90 -1.77
CA CYS A 15 0.20 -1.34 -0.67
C CYS A 15 -0.37 -2.72 -0.95
N SER A 16 -0.61 -3.50 0.12
CA SER A 16 -1.15 -4.84 -0.01
C SER A 16 -2.54 -4.92 0.62
N GLU A 17 -2.75 -4.13 1.66
CA GLU A 17 -4.03 -4.12 2.36
C GLU A 17 -5.19 -4.06 1.36
N CYS A 18 -5.07 -3.17 0.38
CA CYS A 18 -6.10 -3.00 -0.63
C CYS A 18 -5.53 -3.22 -2.03
N GLY A 19 -4.31 -2.74 -2.24
CA GLY A 19 -3.67 -2.88 -3.54
C GLY A 19 -3.57 -1.57 -4.29
N LYS A 20 -2.75 -0.66 -3.78
CA LYS A 20 -2.57 0.65 -4.41
C LYS A 20 -1.09 0.99 -4.52
N ALA A 21 -0.60 1.14 -5.74
CA ALA A 21 0.79 1.48 -5.98
C ALA A 21 0.97 2.98 -6.17
N PHE A 22 2.20 3.44 -6.03
CA PHE A 22 2.52 4.86 -6.17
C PHE A 22 3.89 5.06 -6.82
N SER A 23 4.10 6.25 -7.36
CA SER A 23 5.38 6.56 -8.01
C SER A 23 6.49 6.73 -6.97
N SER A 24 6.20 7.48 -5.92
CA SER A 24 7.17 7.73 -4.87
C SER A 24 6.79 6.99 -3.60
N LYS A 25 7.60 7.14 -2.56
CA LYS A 25 7.35 6.49 -1.28
C LYS A 25 6.29 7.24 -0.48
N SER A 26 6.42 8.56 -0.44
CA SER A 26 5.47 9.40 0.29
C SER A 26 4.04 9.06 -0.09
N TYR A 27 3.71 9.28 -1.36
CA TYR A 27 2.36 9.00 -1.86
C TYR A 27 1.80 7.74 -1.21
N LEU A 28 2.63 6.70 -1.11
CA LEU A 28 2.21 5.44 -0.51
C LEU A 28 1.91 5.61 0.97
N ILE A 29 2.78 6.32 1.67
CA ILE A 29 2.61 6.56 3.10
C ILE A 29 1.27 7.24 3.39
N ILE A 30 1.04 8.38 2.73
CA ILE A 30 -0.19 9.12 2.91
C ILE A 30 -1.41 8.20 2.79
N HIS A 31 -1.31 7.23 1.89
CA HIS A 31 -2.41 6.28 1.67
C HIS A 31 -2.59 5.38 2.88
N MET A 32 -1.48 4.86 3.41
CA MET A 32 -1.52 3.97 4.57
C MET A 32 -2.38 4.58 5.68
N ARG A 33 -2.47 5.90 5.70
CA ARG A 33 -3.26 6.60 6.70
C ARG A 33 -4.70 6.08 6.72
N THR A 34 -5.21 5.73 5.54
CA THR A 34 -6.57 5.22 5.43
C THR A 34 -6.72 3.88 6.14
N HIS A 35 -5.69 3.04 6.04
CA HIS A 35 -5.72 1.73 6.69
C HIS A 35 -5.34 1.84 8.16
N SER A 36 -6.08 2.68 8.89
CA SER A 36 -5.83 2.87 10.31
C SER A 36 -6.73 1.99 11.16
N GLY A 37 -8.04 2.14 10.97
CA GLY A 37 -9.01 1.35 11.71
C GLY A 37 -9.49 2.07 12.97
N GLU A 38 -10.19 3.18 12.77
CA GLU A 38 -10.72 3.96 13.88
C GLU A 38 -12.23 4.10 13.77
N LYS A 39 -12.87 4.49 14.88
CA LYS A 39 -14.31 4.67 14.92
C LYS A 39 -14.72 5.94 14.17
N PRO A 40 -15.88 5.89 13.50
CA PRO A 40 -16.41 7.02 12.74
C PRO A 40 -16.87 8.16 13.65
N SER A 41 -17.26 9.28 13.04
CA SER A 41 -17.72 10.43 13.79
C SER A 41 -19.23 10.38 14.02
N GLY A 42 -19.72 9.19 14.32
CA GLY A 42 -21.14 9.01 14.56
C GLY A 42 -21.77 8.00 13.63
N PRO A 43 -22.82 7.32 14.10
CA PRO A 43 -23.52 6.31 13.31
C PRO A 43 -24.33 6.92 12.17
N SER A 44 -24.87 8.11 12.41
CA SER A 44 -25.67 8.80 11.40
C SER A 44 -26.66 7.86 10.75
N SER A 45 -27.25 6.97 11.54
CA SER A 45 -28.22 6.01 11.04
C SER A 45 -29.53 6.69 10.68
N GLY A 46 -29.78 6.83 9.39
CA GLY A 46 -31.01 7.46 8.93
C GLY A 46 -31.39 7.05 7.52
ZN ZN B . -4.18 0.30 0.69
N GLY A 1 -0.67 -24.68 -24.64
CA GLY A 1 -0.63 -23.38 -23.99
C GLY A 1 0.24 -23.38 -22.75
N SER A 2 0.86 -22.24 -22.46
CA SER A 2 1.73 -22.11 -21.29
C SER A 2 1.78 -20.66 -20.81
N SER A 3 1.31 -20.43 -19.59
CA SER A 3 1.32 -19.09 -19.01
C SER A 3 2.54 -18.88 -18.13
N GLY A 4 3.05 -17.66 -18.13
CA GLY A 4 4.22 -17.34 -17.32
C GLY A 4 5.11 -16.30 -17.97
N SER A 5 4.50 -15.21 -18.42
CA SER A 5 5.26 -14.14 -19.07
C SER A 5 5.36 -12.92 -18.16
N SER A 6 6.38 -12.90 -17.31
CA SER A 6 6.59 -11.79 -16.39
C SER A 6 7.73 -10.90 -16.86
N GLY A 7 7.44 -9.60 -16.99
CA GLY A 7 8.45 -8.66 -17.44
C GLY A 7 8.74 -7.60 -16.40
N ALA A 8 8.33 -6.37 -16.68
CA ALA A 8 8.56 -5.26 -15.78
C ALA A 8 7.36 -5.04 -14.86
N GLY A 9 7.54 -4.21 -13.84
CA GLY A 9 6.47 -3.95 -12.90
C GLY A 9 6.79 -4.40 -11.49
N GLU A 10 8.02 -4.17 -11.06
CA GLU A 10 8.45 -4.56 -9.72
C GLU A 10 8.89 -3.34 -8.91
N LYS A 11 7.93 -2.66 -8.32
CA LYS A 11 8.23 -1.47 -7.51
C LYS A 11 8.38 -1.84 -6.04
N PRO A 12 9.29 -1.14 -5.35
CA PRO A 12 9.55 -1.38 -3.93
C PRO A 12 8.39 -0.93 -3.05
N TYR A 13 7.52 -0.10 -3.60
CA TYR A 13 6.36 0.41 -2.86
C TYR A 13 5.08 -0.28 -3.30
N GLY A 14 4.18 -0.51 -2.36
CA GLY A 14 2.92 -1.17 -2.68
C GLY A 14 2.06 -1.39 -1.46
N CYS A 15 0.79 -1.00 -1.54
CA CYS A 15 -0.14 -1.16 -0.43
C CYS A 15 -0.65 -2.59 -0.35
N SER A 16 -0.47 -3.20 0.82
CA SER A 16 -0.90 -4.57 1.03
C SER A 16 -2.18 -4.62 1.86
N GLU A 17 -3.13 -3.76 1.51
CA GLU A 17 -4.40 -3.70 2.24
C GLU A 17 -5.57 -3.80 1.26
N CYS A 18 -5.57 -2.93 0.25
CA CYS A 18 -6.64 -2.91 -0.74
C CYS A 18 -6.11 -3.33 -2.12
N GLY A 19 -4.98 -2.75 -2.50
CA GLY A 19 -4.38 -3.07 -3.79
C GLY A 19 -4.12 -1.84 -4.63
N LYS A 20 -3.34 -0.92 -4.09
CA LYS A 20 -3.01 0.31 -4.80
C LYS A 20 -1.51 0.61 -4.73
N ALA A 21 -0.97 1.17 -5.80
CA ALA A 21 0.45 1.50 -5.85
C ALA A 21 0.66 2.99 -6.09
N PHE A 22 1.90 3.44 -5.97
CA PHE A 22 2.24 4.84 -6.17
C PHE A 22 3.68 5.00 -6.64
N SER A 23 3.91 5.94 -7.54
CA SER A 23 5.25 6.19 -8.07
C SER A 23 6.05 7.08 -7.12
N SER A 24 5.90 6.84 -5.82
CA SER A 24 6.60 7.64 -4.81
C SER A 24 6.36 7.07 -3.42
N LYS A 25 7.44 6.84 -2.68
CA LYS A 25 7.34 6.31 -1.33
C LYS A 25 6.38 7.14 -0.49
N SER A 26 6.68 8.43 -0.35
CA SER A 26 5.85 9.32 0.44
C SER A 26 4.37 9.10 0.12
N TYR A 27 4.03 9.15 -1.16
CA TYR A 27 2.65 8.96 -1.59
C TYR A 27 2.03 7.73 -0.92
N LEU A 28 2.70 6.60 -1.06
CA LEU A 28 2.23 5.35 -0.47
C LEU A 28 1.80 5.56 0.99
N ILE A 29 2.68 6.20 1.76
CA ILE A 29 2.41 6.47 3.16
C ILE A 29 1.06 7.19 3.33
N ILE A 30 0.89 8.29 2.61
CA ILE A 30 -0.34 9.06 2.68
C ILE A 30 -1.57 8.17 2.47
N HIS A 31 -1.42 7.18 1.61
CA HIS A 31 -2.51 6.25 1.33
C HIS A 31 -2.71 5.27 2.48
N MET A 32 -1.61 4.80 3.05
CA MET A 32 -1.66 3.87 4.16
C MET A 32 -2.25 4.53 5.40
N ARG A 33 -2.22 5.86 5.42
CA ARG A 33 -2.75 6.62 6.55
C ARG A 33 -4.20 6.25 6.82
N THR A 34 -4.92 5.87 5.77
CA THR A 34 -6.32 5.49 5.90
C THR A 34 -6.49 3.98 5.89
N HIS A 35 -5.45 3.27 6.33
CA HIS A 35 -5.48 1.81 6.36
C HIS A 35 -5.25 1.31 7.78
N SER A 36 -4.31 1.94 8.48
CA SER A 36 -3.99 1.55 9.86
C SER A 36 -4.21 2.71 10.81
N GLY A 37 -4.38 2.39 12.09
CA GLY A 37 -4.60 3.42 13.10
C GLY A 37 -3.81 3.16 14.37
N GLU A 38 -3.84 1.92 14.85
CA GLU A 38 -3.14 1.55 16.06
C GLU A 38 -1.67 1.23 15.77
N LYS A 39 -1.04 2.07 14.96
CA LYS A 39 0.35 1.88 14.60
C LYS A 39 1.24 1.78 15.84
N PRO A 40 2.41 1.15 15.69
CA PRO A 40 3.36 0.97 16.79
C PRO A 40 4.01 2.29 17.21
N SER A 41 3.70 3.35 16.49
CA SER A 41 4.25 4.67 16.78
C SER A 41 3.21 5.56 17.44
N GLY A 42 3.46 5.93 18.70
CA GLY A 42 2.53 6.79 19.42
C GLY A 42 3.24 7.73 20.36
N PRO A 43 3.79 8.82 19.81
CA PRO A 43 4.51 9.83 20.61
C PRO A 43 3.58 10.63 21.50
N SER A 44 4.07 11.02 22.67
CA SER A 44 3.28 11.79 23.62
C SER A 44 3.40 13.29 23.33
N SER A 45 2.58 14.09 24.01
CA SER A 45 2.59 15.54 23.83
C SER A 45 4.01 16.08 23.87
N GLY A 46 4.29 17.07 23.02
CA GLY A 46 5.60 17.66 22.97
C GLY A 46 5.73 18.87 23.87
ZN ZN B . -4.67 0.57 0.15
N GLY A 1 1.51 -21.57 -11.17
CA GLY A 1 2.20 -20.30 -11.04
C GLY A 1 3.62 -20.46 -10.53
N SER A 2 4.59 -20.44 -11.44
CA SER A 2 5.99 -20.59 -11.07
C SER A 2 6.81 -19.43 -11.61
N SER A 3 8.05 -19.31 -11.12
CA SER A 3 8.94 -18.24 -11.55
C SER A 3 9.74 -18.65 -12.78
N GLY A 4 10.06 -17.68 -13.63
CA GLY A 4 10.81 -17.96 -14.83
C GLY A 4 10.60 -16.92 -15.91
N SER A 5 9.33 -16.61 -16.19
CA SER A 5 8.99 -15.63 -17.21
C SER A 5 9.82 -14.36 -17.04
N SER A 6 10.88 -14.24 -17.82
CA SER A 6 11.75 -13.08 -17.76
C SER A 6 10.96 -11.79 -17.92
N GLY A 7 11.57 -10.67 -17.53
CA GLY A 7 10.91 -9.39 -17.63
C GLY A 7 11.11 -8.53 -16.40
N ALA A 8 11.00 -7.22 -16.56
CA ALA A 8 11.17 -6.28 -15.45
C ALA A 8 10.09 -5.22 -15.47
N GLY A 9 9.24 -5.23 -14.44
CA GLY A 9 8.17 -4.26 -14.36
C GLY A 9 7.50 -4.26 -13.00
N GLU A 10 8.29 -4.11 -11.94
CA GLU A 10 7.76 -4.09 -10.58
C GLU A 10 8.27 -2.89 -9.81
N LYS A 11 7.70 -2.65 -8.63
CA LYS A 11 8.11 -1.54 -7.79
C LYS A 11 8.25 -1.97 -6.33
N PRO A 12 9.15 -1.30 -5.60
CA PRO A 12 9.40 -1.61 -4.18
C PRO A 12 8.23 -1.21 -3.30
N TYR A 13 7.63 -0.05 -3.59
CA TYR A 13 6.50 0.44 -2.81
C TYR A 13 5.19 -0.20 -3.28
N GLY A 14 4.15 -0.06 -2.47
CA GLY A 14 2.86 -0.62 -2.81
C GLY A 14 2.09 -1.09 -1.59
N CYS A 15 0.80 -0.75 -1.55
CA CYS A 15 -0.05 -1.14 -0.43
C CYS A 15 -0.58 -2.56 -0.61
N SER A 16 -0.84 -3.24 0.49
CA SER A 16 -1.35 -4.60 0.47
C SER A 16 -2.77 -4.67 0.99
N GLU A 17 -3.05 -3.89 2.03
CA GLU A 17 -4.37 -3.86 2.64
C GLU A 17 -5.46 -3.90 1.57
N CYS A 18 -5.28 -3.09 0.52
CA CYS A 18 -6.25 -3.03 -0.56
C CYS A 18 -5.58 -3.34 -1.91
N GLY A 19 -4.32 -2.91 -2.04
CA GLY A 19 -3.59 -3.15 -3.27
C GLY A 19 -3.48 -1.90 -4.13
N LYS A 20 -2.76 -0.90 -3.63
CA LYS A 20 -2.58 0.35 -4.36
C LYS A 20 -1.10 0.70 -4.47
N ALA A 21 -0.62 0.82 -5.70
CA ALA A 21 0.78 1.16 -5.95
C ALA A 21 0.94 2.65 -6.23
N PHE A 22 2.13 3.17 -5.95
CA PHE A 22 2.41 4.58 -6.17
C PHE A 22 3.78 4.76 -6.83
N SER A 23 4.02 5.96 -7.36
CA SER A 23 5.28 6.26 -8.02
C SER A 23 6.41 6.39 -7.00
N SER A 24 6.13 7.12 -5.92
CA SER A 24 7.12 7.33 -4.87
C SER A 24 6.69 6.63 -3.57
N LYS A 25 7.50 6.80 -2.53
CA LYS A 25 7.20 6.20 -1.24
C LYS A 25 6.27 7.08 -0.42
N SER A 26 6.53 8.38 -0.44
CA SER A 26 5.70 9.34 0.29
C SER A 26 4.23 9.19 -0.07
N TYR A 27 3.97 8.86 -1.33
CA TYR A 27 2.60 8.69 -1.81
C TYR A 27 1.96 7.47 -1.17
N LEU A 28 2.78 6.48 -0.81
CA LEU A 28 2.29 5.26 -0.19
C LEU A 28 1.94 5.50 1.27
N ILE A 29 2.75 6.31 1.94
CA ILE A 29 2.53 6.63 3.35
C ILE A 29 1.20 7.36 3.55
N ILE A 30 0.97 8.39 2.74
CA ILE A 30 -0.26 9.17 2.82
C ILE A 30 -1.49 8.27 2.66
N HIS A 31 -1.37 7.26 1.80
CA HIS A 31 -2.47 6.33 1.55
C HIS A 31 -2.74 5.47 2.78
N MET A 32 -1.67 5.00 3.42
CA MET A 32 -1.78 4.16 4.60
C MET A 32 -2.65 4.83 5.65
N ARG A 33 -2.71 6.15 5.61
CA ARG A 33 -3.50 6.92 6.57
C ARG A 33 -4.91 6.34 6.68
N THR A 34 -5.47 5.95 5.54
CA THR A 34 -6.83 5.39 5.51
C THR A 34 -6.87 4.04 6.21
N HIS A 35 -5.95 3.15 5.83
CA HIS A 35 -5.89 1.82 6.43
C HIS A 35 -5.50 1.90 7.90
N SER A 36 -6.48 2.07 8.77
CA SER A 36 -6.25 2.17 10.20
C SER A 36 -5.08 3.11 10.50
N GLY A 37 -5.05 4.22 9.78
CA GLY A 37 -3.98 5.20 9.98
C GLY A 37 -4.34 6.25 11.01
N GLU A 38 -4.85 5.81 12.15
CA GLU A 38 -5.25 6.73 13.21
C GLU A 38 -5.37 5.99 14.54
N LYS A 39 -5.21 6.74 15.64
CA LYS A 39 -5.31 6.16 16.97
C LYS A 39 -6.45 6.80 17.76
N PRO A 40 -7.13 5.97 18.58
CA PRO A 40 -8.25 6.44 19.40
C PRO A 40 -7.81 7.36 20.53
N SER A 41 -7.71 8.65 20.22
CA SER A 41 -7.29 9.64 21.21
C SER A 41 -8.41 10.63 21.48
N GLY A 42 -9.19 10.36 22.54
CA GLY A 42 -10.28 11.25 22.90
C GLY A 42 -11.46 10.50 23.49
N PRO A 43 -12.45 11.24 23.99
CA PRO A 43 -13.65 10.66 24.61
C PRO A 43 -14.55 9.99 23.58
N SER A 44 -14.19 10.11 22.31
CA SER A 44 -14.97 9.51 21.23
C SER A 44 -14.62 8.03 21.06
N SER A 45 -15.52 7.17 21.52
CA SER A 45 -15.31 5.73 21.43
C SER A 45 -16.30 5.10 20.46
N GLY A 46 -15.82 4.13 19.69
CA GLY A 46 -16.67 3.45 18.72
C GLY A 46 -15.93 2.41 17.91
ZN ZN B . -4.43 0.37 0.49
N GLY A 1 -2.23 -12.49 -32.62
CA GLY A 1 -1.41 -12.63 -31.43
C GLY A 1 -2.18 -12.39 -30.16
N SER A 2 -1.91 -13.21 -29.14
CA SER A 2 -2.60 -13.09 -27.86
C SER A 2 -1.70 -13.53 -26.72
N SER A 3 -1.35 -12.59 -25.84
CA SER A 3 -0.49 -12.89 -24.70
C SER A 3 -0.82 -11.98 -23.52
N GLY A 4 -0.70 -12.53 -22.31
CA GLY A 4 -0.98 -11.76 -21.12
C GLY A 4 0.26 -11.19 -20.49
N SER A 5 0.29 -11.18 -19.16
CA SER A 5 1.44 -10.64 -18.42
C SER A 5 1.62 -9.15 -18.71
N SER A 6 0.51 -8.42 -18.65
CA SER A 6 0.55 -6.98 -18.90
C SER A 6 0.94 -6.21 -17.64
N GLY A 7 1.96 -6.70 -16.95
CA GLY A 7 2.41 -6.06 -15.74
C GLY A 7 3.15 -4.75 -16.00
N ALA A 8 2.40 -3.66 -16.05
CA ALA A 8 2.99 -2.34 -16.31
C ALA A 8 3.33 -1.63 -15.00
N GLY A 9 3.79 -2.40 -14.01
CA GLY A 9 4.14 -1.83 -12.73
C GLY A 9 5.18 -2.65 -12.00
N GLU A 10 6.30 -2.03 -11.67
CA GLU A 10 7.38 -2.71 -10.95
C GLU A 10 7.92 -1.84 -9.82
N LYS A 11 7.01 -1.25 -9.05
CA LYS A 11 7.40 -0.41 -7.93
C LYS A 11 7.55 -1.23 -6.66
N PRO A 12 8.53 -0.84 -5.82
CA PRO A 12 8.79 -1.53 -4.55
C PRO A 12 7.69 -1.30 -3.52
N TYR A 13 7.26 -0.05 -3.39
CA TYR A 13 6.22 0.30 -2.44
C TYR A 13 4.84 -0.06 -2.99
N GLY A 14 4.20 -1.05 -2.35
CA GLY A 14 2.89 -1.47 -2.78
C GLY A 14 1.98 -1.84 -1.62
N CYS A 15 0.82 -1.18 -1.55
CA CYS A 15 -0.13 -1.43 -0.48
C CYS A 15 -0.60 -2.88 -0.50
N SER A 16 -0.92 -3.41 0.67
CA SER A 16 -1.39 -4.79 0.79
C SER A 16 -2.83 -4.84 1.26
N GLU A 17 -3.19 -3.91 2.15
CA GLU A 17 -4.54 -3.85 2.70
C GLU A 17 -5.58 -3.98 1.58
N CYS A 18 -5.48 -3.10 0.59
CA CYS A 18 -6.41 -3.11 -0.53
C CYS A 18 -5.72 -3.62 -1.80
N GLY A 19 -4.46 -3.27 -1.96
CA GLY A 19 -3.71 -3.71 -3.13
C GLY A 19 -3.48 -2.58 -4.12
N LYS A 20 -2.47 -1.75 -3.86
CA LYS A 20 -2.16 -0.63 -4.75
C LYS A 20 -0.65 -0.45 -4.85
N ALA A 21 -0.23 0.58 -5.60
CA ALA A 21 1.18 0.87 -5.79
C ALA A 21 1.40 2.36 -6.05
N PHE A 22 2.66 2.77 -6.02
CA PHE A 22 3.01 4.17 -6.26
C PHE A 22 4.46 4.29 -6.75
N SER A 23 4.86 5.52 -7.04
CA SER A 23 6.22 5.77 -7.53
C SER A 23 7.18 6.02 -6.37
N SER A 24 6.76 6.85 -5.42
CA SER A 24 7.59 7.16 -4.26
C SER A 24 6.93 6.66 -2.97
N LYS A 25 7.70 6.65 -1.89
CA LYS A 25 7.20 6.20 -0.59
C LYS A 25 6.15 7.16 -0.05
N SER A 26 6.52 8.43 0.07
CA SER A 26 5.61 9.45 0.58
C SER A 26 4.20 9.22 0.06
N TYR A 27 4.07 9.07 -1.25
CA TYR A 27 2.77 8.84 -1.88
C TYR A 27 2.03 7.69 -1.20
N LEU A 28 2.76 6.63 -0.91
CA LEU A 28 2.17 5.46 -0.25
C LEU A 28 1.60 5.83 1.12
N ILE A 29 2.36 6.61 1.88
CA ILE A 29 1.93 7.03 3.20
C ILE A 29 0.58 7.75 3.13
N ILE A 30 0.43 8.64 2.16
CA ILE A 30 -0.81 9.38 1.99
C ILE A 30 -1.98 8.43 1.74
N HIS A 31 -1.69 7.23 1.25
CA HIS A 31 -2.71 6.24 0.97
C HIS A 31 -2.93 5.32 2.17
N MET A 32 -1.83 4.98 2.84
CA MET A 32 -1.90 4.11 4.01
C MET A 32 -2.33 4.89 5.24
N ARG A 33 -2.28 6.21 5.15
CA ARG A 33 -2.68 7.07 6.26
C ARG A 33 -4.01 6.64 6.85
N THR A 34 -4.94 6.24 5.97
CA THR A 34 -6.26 5.80 6.41
C THR A 34 -6.24 4.32 6.78
N HIS A 35 -5.57 3.51 5.96
CA HIS A 35 -5.48 2.08 6.20
C HIS A 35 -5.08 1.79 7.64
N SER A 36 -4.15 2.59 8.17
CA SER A 36 -3.68 2.43 9.53
C SER A 36 -3.18 3.76 10.11
N GLY A 37 -3.54 4.01 11.36
CA GLY A 37 -3.12 5.25 12.00
C GLY A 37 -3.25 5.19 13.51
N GLU A 38 -3.26 6.35 14.15
CA GLU A 38 -3.38 6.44 15.60
C GLU A 38 -4.82 6.19 16.05
N LYS A 39 -4.99 5.26 16.99
CA LYS A 39 -6.31 4.93 17.50
C LYS A 39 -6.34 4.99 19.03
N PRO A 40 -6.46 6.21 19.57
CA PRO A 40 -6.50 6.42 21.01
C PRO A 40 -7.79 5.90 21.65
N SER A 41 -8.69 5.38 20.81
CA SER A 41 -9.95 4.84 21.29
C SER A 41 -9.74 3.55 22.07
N GLY A 42 -9.01 2.62 21.46
CA GLY A 42 -8.75 1.35 22.12
C GLY A 42 -7.39 1.33 22.81
N PRO A 43 -7.31 0.61 23.94
CA PRO A 43 -6.08 0.49 24.72
C PRO A 43 -5.01 -0.33 24.00
N SER A 44 -3.80 -0.30 24.53
CA SER A 44 -2.69 -1.05 23.93
C SER A 44 -2.13 -2.07 24.92
N SER A 45 -2.76 -3.23 24.97
CA SER A 45 -2.33 -4.30 25.88
C SER A 45 -1.01 -4.89 25.42
N GLY A 46 -0.93 -5.25 24.14
CA GLY A 46 0.29 -5.82 23.60
C GLY A 46 1.07 -4.84 22.75
ZN ZN B . -4.47 0.34 0.24
N GLY A 1 14.47 -17.17 -19.76
CA GLY A 1 15.19 -16.05 -20.35
C GLY A 1 14.69 -14.71 -19.85
N SER A 2 15.26 -13.62 -20.38
CA SER A 2 14.87 -12.28 -19.96
C SER A 2 13.94 -11.64 -20.99
N SER A 3 12.80 -11.14 -20.52
CA SER A 3 11.82 -10.51 -21.40
C SER A 3 12.22 -9.07 -21.71
N GLY A 4 12.30 -8.75 -22.99
CA GLY A 4 12.66 -7.40 -23.39
C GLY A 4 11.48 -6.58 -23.85
N SER A 5 11.01 -5.68 -23.01
CA SER A 5 9.85 -4.84 -23.33
C SER A 5 9.79 -3.62 -22.42
N SER A 6 8.81 -2.76 -22.65
CA SER A 6 8.65 -1.55 -21.85
C SER A 6 7.96 -1.87 -20.52
N GLY A 7 8.76 -2.28 -19.55
CA GLY A 7 8.21 -2.62 -18.24
C GLY A 7 9.23 -2.44 -17.12
N ALA A 8 8.82 -1.74 -16.08
CA ALA A 8 9.71 -1.49 -14.94
C ALA A 8 9.99 -2.78 -14.18
N GLY A 9 8.94 -3.57 -13.94
CA GLY A 9 9.11 -4.82 -13.23
C GLY A 9 8.20 -4.92 -12.03
N GLU A 10 8.71 -4.53 -10.86
CA GLU A 10 7.93 -4.60 -9.63
C GLU A 10 8.25 -3.40 -8.72
N LYS A 11 7.29 -2.49 -8.59
CA LYS A 11 7.47 -1.31 -7.76
C LYS A 11 7.75 -1.70 -6.31
N PRO A 12 8.56 -0.88 -5.62
CA PRO A 12 8.92 -1.12 -4.22
C PRO A 12 7.73 -0.93 -3.28
N TYR A 13 6.93 0.09 -3.55
CA TYR A 13 5.76 0.39 -2.73
C TYR A 13 4.50 -0.25 -3.31
N GLY A 14 3.94 -1.22 -2.59
CA GLY A 14 2.74 -1.89 -3.05
C GLY A 14 1.80 -2.22 -1.92
N CYS A 15 0.99 -1.24 -1.51
CA CYS A 15 0.03 -1.43 -0.44
C CYS A 15 -0.53 -2.85 -0.46
N SER A 16 -0.34 -3.57 0.64
CA SER A 16 -0.82 -4.94 0.76
C SER A 16 -2.10 -5.00 1.58
N GLU A 17 -2.99 -4.04 1.35
CA GLU A 17 -4.26 -3.99 2.07
C GLU A 17 -5.44 -3.96 1.10
N CYS A 18 -5.45 -2.96 0.23
CA CYS A 18 -6.52 -2.82 -0.74
C CYS A 18 -6.06 -3.28 -2.12
N GLY A 19 -4.87 -2.86 -2.53
CA GLY A 19 -4.34 -3.23 -3.82
C GLY A 19 -3.96 -2.03 -4.67
N LYS A 20 -3.28 -1.07 -4.06
CA LYS A 20 -2.87 0.13 -4.76
C LYS A 20 -1.35 0.31 -4.69
N ALA A 21 -0.82 1.22 -5.50
CA ALA A 21 0.62 1.48 -5.52
C ALA A 21 0.89 2.95 -5.81
N PHE A 22 2.16 3.33 -5.79
CA PHE A 22 2.57 4.70 -6.05
C PHE A 22 4.04 4.77 -6.46
N SER A 23 4.37 5.74 -7.30
CA SER A 23 5.74 5.91 -7.78
C SER A 23 6.50 6.89 -6.88
N SER A 24 6.25 6.81 -5.58
CA SER A 24 6.91 7.68 -4.62
C SER A 24 6.58 7.27 -3.19
N LYS A 25 7.61 6.99 -2.41
CA LYS A 25 7.43 6.58 -1.01
C LYS A 25 6.44 7.50 -0.31
N SER A 26 6.63 8.81 -0.46
CA SER A 26 5.76 9.80 0.16
C SER A 26 4.29 9.46 -0.08
N TYR A 27 3.91 9.38 -1.35
CA TYR A 27 2.54 9.06 -1.72
C TYR A 27 2.01 7.89 -0.90
N LEU A 28 2.69 6.75 -1.01
CA LEU A 28 2.28 5.54 -0.28
C LEU A 28 1.92 5.89 1.16
N ILE A 29 2.80 6.61 1.84
CA ILE A 29 2.57 7.00 3.23
C ILE A 29 1.18 7.63 3.39
N ILE A 30 0.92 8.70 2.65
CA ILE A 30 -0.36 9.38 2.72
C ILE A 30 -1.51 8.39 2.60
N HIS A 31 -1.35 7.41 1.72
CA HIS A 31 -2.38 6.40 1.52
C HIS A 31 -2.49 5.47 2.73
N MET A 32 -1.34 5.05 3.25
CA MET A 32 -1.30 4.16 4.40
C MET A 32 -2.17 4.71 5.54
N ARG A 33 -2.35 6.03 5.55
CA ARG A 33 -3.15 6.68 6.58
C ARG A 33 -4.56 6.08 6.63
N THR A 34 -5.08 5.73 5.45
CA THR A 34 -6.41 5.16 5.36
C THR A 34 -6.47 3.77 5.98
N HIS A 35 -5.41 2.99 5.80
CA HIS A 35 -5.33 1.65 6.35
C HIS A 35 -4.78 1.68 7.77
N SER A 36 -5.35 2.56 8.60
CA SER A 36 -4.91 2.68 9.98
C SER A 36 -4.66 1.31 10.61
N GLY A 37 -3.49 1.16 11.21
CA GLY A 37 -3.15 -0.10 11.84
C GLY A 37 -2.11 0.05 12.93
N GLU A 38 -1.00 0.71 12.61
CA GLU A 38 0.07 0.92 13.58
C GLU A 38 0.24 2.40 13.88
N LYS A 39 -0.64 2.93 14.72
CA LYS A 39 -0.59 4.34 15.09
C LYS A 39 0.24 4.54 16.36
N PRO A 40 0.94 5.68 16.44
CA PRO A 40 1.77 6.02 17.59
C PRO A 40 0.95 6.32 18.84
N SER A 41 1.62 6.76 19.90
CA SER A 41 0.94 7.07 21.15
C SER A 41 -0.23 8.02 20.91
N GLY A 42 -1.44 7.49 21.06
CA GLY A 42 -2.63 8.30 20.85
C GLY A 42 -3.37 8.58 22.14
N PRO A 43 -4.38 7.74 22.45
CA PRO A 43 -5.18 7.88 23.66
C PRO A 43 -4.39 7.56 24.93
N SER A 44 -5.10 7.44 26.04
CA SER A 44 -4.47 7.13 27.32
C SER A 44 -4.44 5.62 27.57
N SER A 45 -3.91 4.88 26.60
CA SER A 45 -3.83 3.43 26.72
C SER A 45 -2.62 2.89 25.97
N GLY A 46 -1.89 1.98 26.59
CA GLY A 46 -0.72 1.40 25.96
C GLY A 46 -0.94 1.08 24.50
ZN ZN B . -4.40 0.33 0.19
N GLY A 1 0.55 -23.65 -23.80
CA GLY A 1 1.02 -22.43 -23.18
C GLY A 1 1.30 -22.60 -21.70
N SER A 2 0.31 -22.30 -20.86
CA SER A 2 0.47 -22.41 -19.42
C SER A 2 1.63 -21.57 -18.92
N SER A 3 1.74 -20.35 -19.47
CA SER A 3 2.81 -19.44 -19.08
C SER A 3 2.32 -17.99 -19.11
N GLY A 4 2.90 -17.16 -18.24
CA GLY A 4 2.51 -15.76 -18.20
C GLY A 4 3.00 -15.08 -16.94
N SER A 5 4.24 -14.59 -16.98
CA SER A 5 4.83 -13.92 -15.83
C SER A 5 4.58 -12.41 -15.89
N SER A 6 4.66 -11.75 -14.74
CA SER A 6 4.44 -10.32 -14.66
C SER A 6 5.57 -9.55 -15.34
N GLY A 7 5.21 -8.49 -16.05
CA GLY A 7 6.21 -7.69 -16.73
C GLY A 7 7.31 -7.21 -15.81
N ALA A 8 8.52 -7.10 -16.34
CA ALA A 8 9.67 -6.67 -15.55
C ALA A 8 9.67 -5.15 -15.40
N GLY A 9 9.01 -4.67 -14.36
CA GLY A 9 8.94 -3.24 -14.11
C GLY A 9 7.93 -2.87 -13.04
N GLU A 10 8.31 -3.10 -11.78
CA GLU A 10 7.43 -2.79 -10.66
C GLU A 10 8.21 -2.12 -9.52
N LYS A 11 7.51 -1.31 -8.74
CA LYS A 11 8.13 -0.61 -7.62
C LYS A 11 7.85 -1.34 -6.31
N PRO A 12 8.79 -1.21 -5.35
CA PRO A 12 8.66 -1.83 -4.03
C PRO A 12 7.55 -1.21 -3.19
N TYR A 13 7.21 0.04 -3.50
CA TYR A 13 6.17 0.74 -2.77
C TYR A 13 4.78 0.30 -3.22
N GLY A 14 4.18 -0.60 -2.44
CA GLY A 14 2.85 -1.10 -2.78
C GLY A 14 2.04 -1.47 -1.55
N CYS A 15 0.82 -0.95 -1.48
CA CYS A 15 -0.06 -1.22 -0.35
C CYS A 15 -0.46 -2.69 -0.31
N SER A 16 -0.46 -3.27 0.88
CA SER A 16 -0.83 -4.67 1.04
C SER A 16 -2.08 -4.81 1.91
N GLU A 17 -3.06 -3.94 1.67
CA GLU A 17 -4.30 -3.96 2.43
C GLU A 17 -5.51 -3.95 1.49
N CYS A 18 -5.48 -3.07 0.50
CA CYS A 18 -6.56 -2.96 -0.46
C CYS A 18 -6.11 -3.42 -1.85
N GLY A 19 -4.92 -2.99 -2.24
CA GLY A 19 -4.40 -3.36 -3.55
C GLY A 19 -4.09 -2.17 -4.42
N LYS A 20 -3.22 -1.28 -3.92
CA LYS A 20 -2.84 -0.09 -4.66
C LYS A 20 -1.34 -0.04 -4.89
N ALA A 21 -0.88 0.96 -5.63
CA ALA A 21 0.54 1.11 -5.92
C ALA A 21 0.91 2.59 -6.07
N PHE A 22 2.20 2.88 -5.99
CA PHE A 22 2.68 4.26 -6.12
C PHE A 22 4.07 4.28 -6.74
N SER A 23 4.54 5.47 -7.10
CA SER A 23 5.85 5.64 -7.71
C SER A 23 6.89 6.00 -6.65
N SER A 24 6.52 6.91 -5.75
CA SER A 24 7.43 7.34 -4.69
C SER A 24 7.07 6.67 -3.37
N LYS A 25 7.85 6.98 -2.33
CA LYS A 25 7.62 6.41 -1.00
C LYS A 25 6.56 7.21 -0.25
N SER A 26 6.62 8.53 -0.39
CA SER A 26 5.66 9.40 0.28
C SER A 26 4.23 9.07 -0.13
N TYR A 27 4.01 8.92 -1.43
CA TYR A 27 2.69 8.60 -1.95
C TYR A 27 2.06 7.44 -1.19
N LEU A 28 2.82 6.36 -1.06
CA LEU A 28 2.35 5.17 -0.34
C LEU A 28 1.91 5.54 1.08
N ILE A 29 2.77 6.26 1.79
CA ILE A 29 2.47 6.67 3.15
C ILE A 29 1.12 7.38 3.23
N ILE A 30 0.98 8.44 2.44
CA ILE A 30 -0.26 9.21 2.41
C ILE A 30 -1.48 8.30 2.32
N HIS A 31 -1.33 7.19 1.58
CA HIS A 31 -2.42 6.23 1.42
C HIS A 31 -2.66 5.46 2.71
N MET A 32 -1.58 4.96 3.30
CA MET A 32 -1.68 4.20 4.54
C MET A 32 -2.57 4.91 5.55
N ARG A 33 -2.63 6.24 5.45
CA ARG A 33 -3.45 7.04 6.35
C ARG A 33 -4.83 6.43 6.52
N THR A 34 -5.37 5.89 5.44
CA THR A 34 -6.69 5.27 5.47
C THR A 34 -6.66 3.94 6.22
N HIS A 35 -5.67 3.12 5.90
CA HIS A 35 -5.53 1.82 6.55
C HIS A 35 -5.05 1.97 7.98
N SER A 36 -6.00 2.05 8.91
CA SER A 36 -5.67 2.21 10.34
C SER A 36 -6.44 1.21 11.18
N GLY A 37 -5.79 0.09 11.49
CA GLY A 37 -6.44 -0.94 12.30
C GLY A 37 -7.45 -1.75 11.51
N GLU A 38 -8.45 -1.07 10.95
CA GLU A 38 -9.48 -1.74 10.18
C GLU A 38 -9.87 -0.90 8.95
N LYS A 39 -9.61 -1.44 7.77
CA LYS A 39 -9.93 -0.74 6.53
C LYS A 39 -11.22 0.07 6.68
N PRO A 40 -11.26 1.24 6.04
CA PRO A 40 -12.43 2.13 6.08
C PRO A 40 -13.62 1.57 5.33
N SER A 41 -14.69 1.28 6.06
CA SER A 41 -15.90 0.73 5.45
C SER A 41 -16.96 1.82 5.26
N GLY A 42 -16.50 3.05 5.10
CA GLY A 42 -17.42 4.16 4.91
C GLY A 42 -18.47 4.23 6.00
N PRO A 43 -19.37 5.23 5.90
CA PRO A 43 -20.44 5.42 6.87
C PRO A 43 -21.51 4.33 6.79
N SER A 44 -21.72 3.64 7.90
CA SER A 44 -22.71 2.57 7.96
C SER A 44 -23.92 2.99 8.79
N SER A 45 -24.95 3.47 8.10
CA SER A 45 -26.16 3.92 8.77
C SER A 45 -27.34 3.00 8.43
N GLY A 46 -27.69 2.13 9.36
CA GLY A 46 -28.79 1.20 9.14
C GLY A 46 -29.59 0.94 10.39
ZN ZN B . -4.62 0.34 0.52
N GLY A 1 -1.11 -13.74 -24.82
CA GLY A 1 -1.89 -12.53 -25.05
C GLY A 1 -1.00 -11.31 -25.23
N SER A 2 -1.60 -10.13 -25.03
CA SER A 2 -0.86 -8.88 -25.17
C SER A 2 -1.27 -7.88 -24.09
N SER A 3 -0.28 -7.22 -23.49
CA SER A 3 -0.53 -6.25 -22.44
C SER A 3 0.47 -5.10 -22.51
N GLY A 4 0.00 -3.89 -22.25
CA GLY A 4 0.87 -2.72 -22.28
C GLY A 4 2.12 -2.91 -21.46
N SER A 5 3.23 -3.23 -22.12
CA SER A 5 4.50 -3.44 -21.43
C SER A 5 4.77 -2.32 -20.44
N SER A 6 4.52 -2.60 -19.16
CA SER A 6 4.74 -1.62 -18.11
C SER A 6 6.21 -1.54 -17.72
N GLY A 7 6.82 -2.71 -17.53
CA GLY A 7 8.23 -2.76 -17.17
C GLY A 7 8.68 -4.15 -16.77
N ALA A 8 9.98 -4.38 -16.79
CA ALA A 8 10.54 -5.67 -16.43
C ALA A 8 10.84 -5.75 -14.94
N GLY A 9 9.85 -6.17 -14.17
CA GLY A 9 10.02 -6.28 -12.73
C GLY A 9 8.85 -5.71 -11.95
N GLU A 10 8.96 -5.73 -10.62
CA GLU A 10 7.89 -5.22 -9.77
C GLU A 10 8.29 -3.89 -9.13
N LYS A 11 7.31 -3.15 -8.65
CA LYS A 11 7.55 -1.86 -8.02
C LYS A 11 7.99 -2.04 -6.57
N PRO A 12 8.89 -1.17 -6.10
CA PRO A 12 9.41 -1.21 -4.73
C PRO A 12 8.35 -0.81 -3.71
N TYR A 13 7.45 0.08 -4.12
CA TYR A 13 6.39 0.56 -3.23
C TYR A 13 5.05 -0.08 -3.60
N GLY A 14 4.06 0.07 -2.72
CA GLY A 14 2.75 -0.49 -2.97
C GLY A 14 2.00 -0.80 -1.69
N CYS A 15 0.67 -0.87 -1.79
CA CYS A 15 -0.16 -1.16 -0.63
C CYS A 15 -0.73 -2.58 -0.70
N SER A 16 -0.13 -3.49 0.05
CA SER A 16 -0.57 -4.88 0.06
C SER A 16 -1.72 -5.07 1.05
N GLU A 17 -2.51 -4.01 1.26
CA GLU A 17 -3.64 -4.06 2.17
C GLU A 17 -4.95 -4.16 1.40
N CYS A 18 -5.12 -3.29 0.42
CA CYS A 18 -6.33 -3.27 -0.39
C CYS A 18 -6.02 -3.58 -1.86
N GLY A 19 -4.99 -2.93 -2.37
CA GLY A 19 -4.60 -3.14 -3.76
C GLY A 19 -4.28 -1.85 -4.48
N LYS A 20 -3.43 -1.03 -3.88
CA LYS A 20 -3.04 0.25 -4.48
C LYS A 20 -1.56 0.26 -4.83
N ALA A 21 -1.11 1.34 -5.46
CA ALA A 21 0.28 1.48 -5.85
C ALA A 21 0.70 2.95 -5.89
N PHE A 22 2.00 3.18 -5.93
CA PHE A 22 2.53 4.55 -5.96
C PHE A 22 3.94 4.56 -6.57
N SER A 23 4.39 5.76 -6.94
CA SER A 23 5.71 5.92 -7.53
C SER A 23 6.75 6.26 -6.46
N SER A 24 6.36 7.09 -5.51
CA SER A 24 7.25 7.51 -4.44
C SER A 24 6.81 6.90 -3.10
N LYS A 25 7.62 7.10 -2.08
CA LYS A 25 7.32 6.59 -0.75
C LYS A 25 6.23 7.42 -0.07
N SER A 26 6.53 8.68 0.19
CA SER A 26 5.57 9.58 0.83
C SER A 26 4.19 9.43 0.20
N TYR A 27 4.14 9.42 -1.12
CA TYR A 27 2.87 9.28 -1.84
C TYR A 27 2.14 8.02 -1.41
N LEU A 28 2.89 6.99 -1.05
CA LEU A 28 2.31 5.73 -0.61
C LEU A 28 1.82 5.82 0.83
N ILE A 29 2.65 6.40 1.69
CA ILE A 29 2.29 6.56 3.10
C ILE A 29 0.97 7.31 3.25
N ILE A 30 0.88 8.47 2.60
CA ILE A 30 -0.33 9.29 2.66
C ILE A 30 -1.58 8.42 2.52
N HIS A 31 -1.49 7.36 1.73
CA HIS A 31 -2.61 6.46 1.52
C HIS A 31 -2.85 5.59 2.76
N MET A 32 -1.79 4.97 3.25
CA MET A 32 -1.89 4.12 4.43
C MET A 32 -2.66 4.81 5.54
N ARG A 33 -2.60 6.13 5.56
CA ARG A 33 -3.30 6.92 6.58
C ARG A 33 -4.69 6.34 6.85
N THR A 34 -5.36 5.92 5.78
CA THR A 34 -6.70 5.35 5.91
C THR A 34 -6.66 3.98 6.57
N HIS A 35 -5.73 3.14 6.11
CA HIS A 35 -5.59 1.80 6.67
C HIS A 35 -4.99 1.84 8.07
N SER A 36 -5.84 2.13 9.05
CA SER A 36 -5.41 2.21 10.45
C SER A 36 -5.49 0.85 11.12
N GLY A 37 -4.42 0.49 11.82
CA GLY A 37 -4.38 -0.80 12.51
C GLY A 37 -3.98 -0.67 13.96
N GLU A 38 -2.92 0.10 14.22
CA GLU A 38 -2.44 0.30 15.57
C GLU A 38 -3.52 0.92 16.45
N LYS A 39 -3.33 0.84 17.77
CA LYS A 39 -4.29 1.39 18.71
C LYS A 39 -5.72 1.23 18.20
N PRO A 40 -6.10 -0.02 17.87
CA PRO A 40 -7.43 -0.33 17.37
C PRO A 40 -8.51 -0.18 18.44
N SER A 41 -9.75 0.02 18.01
CA SER A 41 -10.87 0.17 18.93
C SER A 41 -10.66 1.39 19.82
N GLY A 42 -10.20 2.49 19.22
CA GLY A 42 -9.96 3.71 19.98
C GLY A 42 -9.06 3.48 21.17
N PRO A 43 -9.04 4.47 22.09
CA PRO A 43 -8.21 4.40 23.30
C PRO A 43 -8.72 3.35 24.29
N SER A 44 -8.25 2.12 24.14
CA SER A 44 -8.65 1.04 25.02
C SER A 44 -7.47 0.51 25.83
N SER A 45 -7.65 0.44 27.15
CA SER A 45 -6.60 -0.04 28.04
C SER A 45 -6.81 -1.51 28.40
N GLY A 46 -5.84 -2.34 28.03
CA GLY A 46 -5.94 -3.76 28.33
C GLY A 46 -4.60 -4.37 28.69
ZN ZN B . -4.58 0.50 0.43
N GLY A 1 -13.55 -7.87 -18.54
CA GLY A 1 -12.61 -7.32 -17.58
C GLY A 1 -11.33 -8.13 -17.49
N SER A 2 -10.20 -7.43 -17.35
CA SER A 2 -8.90 -8.09 -17.26
C SER A 2 -8.11 -7.57 -16.07
N SER A 3 -7.48 -8.47 -15.33
CA SER A 3 -6.70 -8.11 -14.17
C SER A 3 -5.25 -7.79 -14.56
N GLY A 4 -4.73 -6.70 -14.00
CA GLY A 4 -3.36 -6.31 -14.31
C GLY A 4 -2.66 -5.66 -13.13
N SER A 5 -1.37 -5.90 -13.00
CA SER A 5 -0.59 -5.34 -11.90
C SER A 5 0.02 -4.00 -12.31
N SER A 6 -0.06 -3.02 -11.41
CA SER A 6 0.48 -1.70 -11.66
C SER A 6 1.87 -1.54 -11.05
N GLY A 7 1.95 -1.75 -9.74
CA GLY A 7 3.22 -1.63 -9.05
C GLY A 7 3.45 -2.75 -8.05
N ALA A 8 3.73 -3.95 -8.57
CA ALA A 8 3.97 -5.11 -7.71
C ALA A 8 5.43 -5.52 -7.75
N GLY A 9 5.92 -5.85 -8.94
CA GLY A 9 7.31 -6.26 -9.08
C GLY A 9 8.19 -5.13 -9.59
N GLU A 10 7.67 -4.34 -10.52
CA GLU A 10 8.42 -3.22 -11.09
C GLU A 10 8.83 -2.24 -10.00
N LYS A 11 7.87 -1.89 -9.14
CA LYS A 11 8.12 -0.94 -8.05
C LYS A 11 8.13 -1.66 -6.70
N PRO A 12 8.99 -1.20 -5.79
CA PRO A 12 9.11 -1.77 -4.46
C PRO A 12 7.89 -1.48 -3.58
N TYR A 13 7.33 -0.29 -3.75
CA TYR A 13 6.16 0.11 -2.98
C TYR A 13 4.91 -0.61 -3.48
N GLY A 14 3.86 -0.59 -2.65
CA GLY A 14 2.61 -1.25 -3.02
C GLY A 14 1.73 -1.53 -1.83
N CYS A 15 0.81 -0.61 -1.55
CA CYS A 15 -0.11 -0.76 -0.42
C CYS A 15 -0.51 -2.21 -0.24
N SER A 16 -0.01 -2.84 0.82
CA SER A 16 -0.30 -4.23 1.11
C SER A 16 -1.55 -4.35 1.98
N GLU A 17 -2.58 -3.57 1.63
CA GLU A 17 -3.82 -3.58 2.38
C GLU A 17 -5.01 -3.71 1.45
N CYS A 18 -5.09 -2.82 0.46
CA CYS A 18 -6.18 -2.84 -0.50
C CYS A 18 -5.69 -3.30 -1.87
N GLY A 19 -4.53 -2.79 -2.29
CA GLY A 19 -3.97 -3.17 -3.57
C GLY A 19 -3.69 -1.97 -4.45
N LYS A 20 -3.09 -0.93 -3.86
CA LYS A 20 -2.76 0.28 -4.60
C LYS A 20 -1.26 0.54 -4.57
N ALA A 21 -0.69 0.76 -5.75
CA ALA A 21 0.75 1.02 -5.86
C ALA A 21 1.01 2.48 -6.25
N PHE A 22 2.10 3.04 -5.73
CA PHE A 22 2.45 4.42 -6.02
C PHE A 22 3.86 4.50 -6.59
N SER A 23 4.25 5.71 -7.01
CA SER A 23 5.58 5.93 -7.58
C SER A 23 6.61 6.17 -6.49
N SER A 24 6.26 7.02 -5.53
CA SER A 24 7.15 7.33 -4.42
C SER A 24 6.61 6.79 -3.10
N LYS A 25 7.52 6.39 -2.22
CA LYS A 25 7.13 5.84 -0.92
C LYS A 25 6.14 6.76 -0.22
N SER A 26 6.43 8.06 -0.22
CA SER A 26 5.55 9.04 0.41
C SER A 26 4.11 8.88 -0.08
N TYR A 27 3.95 8.77 -1.39
CA TYR A 27 2.63 8.63 -1.99
C TYR A 27 1.88 7.45 -1.36
N LEU A 28 2.62 6.40 -1.02
CA LEU A 28 2.03 5.22 -0.42
C LEU A 28 1.63 5.48 1.03
N ILE A 29 2.54 6.10 1.79
CA ILE A 29 2.27 6.41 3.19
C ILE A 29 0.99 7.23 3.33
N ILE A 30 0.92 8.34 2.61
CA ILE A 30 -0.25 9.20 2.66
C ILE A 30 -1.53 8.40 2.52
N HIS A 31 -1.51 7.39 1.66
CA HIS A 31 -2.67 6.54 1.43
C HIS A 31 -2.94 5.65 2.64
N MET A 32 -1.88 5.00 3.13
CA MET A 32 -2.01 4.12 4.29
C MET A 32 -2.71 4.83 5.44
N ARG A 33 -2.60 6.15 5.48
CA ARG A 33 -3.22 6.95 6.52
C ARG A 33 -4.64 6.46 6.81
N THR A 34 -5.36 6.10 5.75
CA THR A 34 -6.72 5.61 5.89
C THR A 34 -6.76 4.22 6.53
N HIS A 35 -5.96 3.31 5.97
CA HIS A 35 -5.90 1.95 6.48
C HIS A 35 -5.48 1.94 7.95
N SER A 36 -4.32 2.54 8.23
CA SER A 36 -3.80 2.59 9.59
C SER A 36 -4.77 3.34 10.51
N GLY A 37 -5.36 2.61 11.46
CA GLY A 37 -6.29 3.21 12.39
C GLY A 37 -6.81 2.22 13.41
N GLU A 38 -5.93 1.38 13.92
CA GLU A 38 -6.30 0.38 14.91
C GLU A 38 -5.34 0.39 16.09
N LYS A 39 -4.95 1.59 16.52
CA LYS A 39 -4.03 1.74 17.64
C LYS A 39 -2.87 0.75 17.53
N PRO A 40 -2.20 0.75 16.37
CA PRO A 40 -1.06 -0.14 16.12
C PRO A 40 0.17 0.23 16.94
N SER A 41 0.54 1.52 16.91
CA SER A 41 1.69 1.99 17.67
C SER A 41 1.26 2.95 18.78
N GLY A 42 1.98 2.91 19.90
CA GLY A 42 1.66 3.78 21.01
C GLY A 42 2.57 4.99 21.09
N PRO A 43 3.74 4.81 21.71
CA PRO A 43 4.73 5.88 21.87
C PRO A 43 5.38 6.26 20.55
N SER A 44 6.38 7.14 20.62
CA SER A 44 7.09 7.58 19.42
C SER A 44 8.49 8.07 19.78
N SER A 45 9.50 7.44 19.18
CA SER A 45 10.89 7.81 19.43
C SER A 45 11.32 8.96 18.55
N GLY A 46 11.00 8.86 17.25
CA GLY A 46 11.36 9.91 16.32
C GLY A 46 11.00 9.56 14.89
ZN ZN B . -4.63 0.77 0.41
N GLY A 1 7.89 -15.71 -31.16
CA GLY A 1 8.37 -15.79 -29.78
C GLY A 1 9.17 -14.56 -29.38
N SER A 2 8.56 -13.39 -29.51
CA SER A 2 9.23 -12.15 -29.15
C SER A 2 8.35 -11.30 -28.25
N SER A 3 8.77 -11.14 -26.99
CA SER A 3 8.02 -10.34 -26.02
C SER A 3 8.75 -9.05 -25.69
N GLY A 4 8.04 -7.94 -25.81
CA GLY A 4 8.64 -6.65 -25.51
C GLY A 4 7.61 -5.60 -25.16
N SER A 5 7.57 -5.21 -23.89
CA SER A 5 6.61 -4.21 -23.42
C SER A 5 7.32 -3.10 -22.64
N SER A 6 7.45 -1.94 -23.27
CA SER A 6 8.11 -0.80 -22.63
C SER A 6 7.10 0.09 -21.91
N GLY A 7 6.95 -0.14 -20.61
CA GLY A 7 6.01 0.65 -19.82
C GLY A 7 6.51 0.93 -18.42
N ALA A 8 5.67 0.67 -17.42
CA ALA A 8 6.03 0.90 -16.03
C ALA A 8 6.87 -0.25 -15.50
N GLY A 9 6.42 -1.48 -15.74
CA GLY A 9 7.15 -2.65 -15.27
C GLY A 9 6.73 -3.07 -13.88
N GLU A 10 7.38 -2.49 -12.87
CA GLU A 10 7.07 -2.81 -11.48
C GLU A 10 7.53 -1.69 -10.55
N LYS A 11 7.16 -1.80 -9.28
CA LYS A 11 7.54 -0.80 -8.29
C LYS A 11 7.96 -1.46 -6.98
N PRO A 12 8.89 -0.81 -6.26
CA PRO A 12 9.40 -1.32 -4.98
C PRO A 12 8.35 -1.25 -3.87
N TYR A 13 7.54 -0.20 -3.89
CA TYR A 13 6.50 -0.01 -2.89
C TYR A 13 5.17 -0.60 -3.36
N GLY A 14 4.18 -0.58 -2.49
CA GLY A 14 2.87 -1.11 -2.83
C GLY A 14 2.02 -1.40 -1.61
N CYS A 15 0.91 -0.68 -1.47
CA CYS A 15 0.01 -0.87 -0.34
C CYS A 15 -0.35 -2.34 -0.18
N SER A 16 0.19 -2.96 0.87
CA SER A 16 -0.08 -4.37 1.14
C SER A 16 -1.27 -4.53 2.07
N GLU A 17 -2.28 -3.68 1.86
CA GLU A 17 -3.50 -3.72 2.69
C GLU A 17 -4.71 -4.03 1.82
N CYS A 18 -4.93 -3.22 0.79
CA CYS A 18 -6.06 -3.42 -0.11
C CYS A 18 -5.60 -3.85 -1.49
N GLY A 19 -4.51 -3.23 -1.97
CA GLY A 19 -3.98 -3.56 -3.27
C GLY A 19 -3.75 -2.34 -4.13
N LYS A 20 -2.94 -1.41 -3.64
CA LYS A 20 -2.63 -0.19 -4.36
C LYS A 20 -1.12 -0.02 -4.53
N ALA A 21 -0.73 0.75 -5.54
CA ALA A 21 0.69 1.00 -5.80
C ALA A 21 0.94 2.48 -6.07
N PHE A 22 2.19 2.90 -5.90
CA PHE A 22 2.58 4.29 -6.13
C PHE A 22 4.00 4.39 -6.65
N SER A 23 4.46 5.62 -6.88
CA SER A 23 5.81 5.85 -7.39
C SER A 23 6.83 5.73 -6.27
N SER A 24 6.67 6.55 -5.23
CA SER A 24 7.58 6.54 -4.10
C SER A 24 6.86 6.13 -2.82
N LYS A 25 7.61 6.06 -1.72
CA LYS A 25 7.04 5.69 -0.43
C LYS A 25 6.10 6.77 0.08
N SER A 26 6.57 8.01 0.06
CA SER A 26 5.77 9.15 0.52
C SER A 26 4.33 9.02 0.06
N TYR A 27 4.15 8.72 -1.22
CA TYR A 27 2.82 8.57 -1.80
C TYR A 27 2.10 7.36 -1.21
N LEU A 28 2.87 6.36 -0.81
CA LEU A 28 2.30 5.15 -0.22
C LEU A 28 1.86 5.40 1.22
N ILE A 29 2.59 6.26 1.92
CA ILE A 29 2.27 6.59 3.30
C ILE A 29 0.96 7.35 3.39
N ILE A 30 0.85 8.42 2.61
CA ILE A 30 -0.35 9.24 2.60
C ILE A 30 -1.61 8.39 2.41
N HIS A 31 -1.49 7.35 1.59
CA HIS A 31 -2.60 6.45 1.33
C HIS A 31 -2.94 5.62 2.56
N MET A 32 -1.90 5.07 3.20
CA MET A 32 -2.09 4.26 4.39
C MET A 32 -2.88 5.02 5.46
N ARG A 33 -2.86 6.35 5.36
CA ARG A 33 -3.57 7.19 6.32
C ARG A 33 -5.06 6.85 6.32
N THR A 34 -5.57 6.42 5.18
CA THR A 34 -6.99 6.07 5.06
C THR A 34 -7.29 4.75 5.76
N HIS A 35 -6.41 3.77 5.58
CA HIS A 35 -6.58 2.47 6.20
C HIS A 35 -6.43 2.57 7.72
N SER A 36 -5.32 3.14 8.17
CA SER A 36 -5.06 3.29 9.59
C SER A 36 -5.92 4.39 10.19
N GLY A 37 -6.63 4.07 11.26
CA GLY A 37 -7.49 5.04 11.91
C GLY A 37 -8.31 4.44 13.03
N GLU A 38 -7.76 4.45 14.24
CA GLU A 38 -8.45 3.90 15.40
C GLU A 38 -7.67 4.19 16.68
N LYS A 39 -8.26 5.01 17.54
CA LYS A 39 -7.63 5.37 18.81
C LYS A 39 -8.64 5.31 19.96
N PRO A 40 -8.17 4.86 21.13
CA PRO A 40 -9.02 4.75 22.33
C PRO A 40 -9.41 6.11 22.89
N SER A 41 -10.24 6.10 23.93
CA SER A 41 -10.70 7.35 24.55
C SER A 41 -9.84 7.68 25.77
N GLY A 42 -9.58 6.67 26.59
CA GLY A 42 -8.77 6.89 27.79
C GLY A 42 -7.66 5.87 27.92
N PRO A 43 -7.94 4.76 28.63
CA PRO A 43 -6.97 3.68 28.85
C PRO A 43 -6.67 2.91 27.58
N SER A 44 -5.60 3.29 26.89
CA SER A 44 -5.21 2.63 25.65
C SER A 44 -4.73 1.21 25.93
N SER A 45 -4.88 0.33 24.93
CA SER A 45 -4.46 -1.06 25.07
C SER A 45 -2.96 -1.16 25.23
N GLY A 46 -2.21 -0.47 24.36
CA GLY A 46 -0.77 -0.50 24.44
C GLY A 46 -0.11 0.10 23.20
ZN ZN B . -4.61 0.42 0.40
N GLY A 1 8.60 -16.99 -26.93
CA GLY A 1 8.07 -17.23 -25.61
C GLY A 1 8.25 -16.04 -24.68
N SER A 2 7.48 -14.98 -24.92
CA SER A 2 7.56 -13.78 -24.10
C SER A 2 6.17 -13.22 -23.81
N SER A 3 6.05 -12.54 -22.67
CA SER A 3 4.76 -11.96 -22.28
C SER A 3 4.92 -10.48 -21.97
N GLY A 4 3.86 -9.71 -22.24
CA GLY A 4 3.90 -8.28 -21.99
C GLY A 4 3.06 -7.88 -20.79
N SER A 5 3.58 -8.11 -19.59
CA SER A 5 2.86 -7.78 -18.37
C SER A 5 3.58 -6.68 -17.61
N SER A 6 4.88 -6.88 -17.35
CA SER A 6 5.67 -5.91 -16.63
C SER A 6 4.86 -5.24 -15.53
N GLY A 7 4.07 -6.04 -14.82
CA GLY A 7 3.24 -5.51 -13.75
C GLY A 7 3.95 -4.43 -12.96
N ALA A 8 5.08 -4.79 -12.35
CA ALA A 8 5.85 -3.84 -11.56
C ALA A 8 7.27 -3.71 -12.08
N GLY A 9 7.62 -2.50 -12.54
CA GLY A 9 8.95 -2.27 -13.07
C GLY A 9 9.96 -1.96 -11.98
N GLU A 10 9.83 -0.79 -11.37
CA GLU A 10 10.74 -0.39 -10.30
C GLU A 10 9.97 0.15 -9.10
N LYS A 11 8.84 -0.49 -8.79
CA LYS A 11 8.02 -0.09 -7.67
C LYS A 11 7.87 -1.22 -6.66
N PRO A 12 8.89 -1.41 -5.81
CA PRO A 12 8.90 -2.46 -4.80
C PRO A 12 7.89 -2.19 -3.68
N TYR A 13 7.16 -1.09 -3.80
CA TYR A 13 6.17 -0.72 -2.80
C TYR A 13 4.76 -1.04 -3.29
N GLY A 14 3.79 -0.94 -2.39
CA GLY A 14 2.41 -1.23 -2.74
C GLY A 14 1.56 -1.53 -1.53
N CYS A 15 0.52 -0.71 -1.32
CA CYS A 15 -0.38 -0.89 -0.19
C CYS A 15 -0.85 -2.34 -0.10
N SER A 16 -0.33 -3.06 0.88
CA SER A 16 -0.69 -4.46 1.08
C SER A 16 -1.93 -4.58 1.97
N GLU A 17 -2.92 -3.72 1.72
CA GLU A 17 -4.15 -3.73 2.49
C GLU A 17 -5.37 -3.76 1.58
N CYS A 18 -5.44 -2.80 0.66
CA CYS A 18 -6.55 -2.72 -0.28
C CYS A 18 -6.11 -3.13 -1.69
N GLY A 19 -4.96 -2.62 -2.12
CA GLY A 19 -4.46 -2.95 -3.44
C GLY A 19 -4.20 -1.72 -4.28
N LYS A 20 -3.39 -0.80 -3.77
CA LYS A 20 -3.06 0.43 -4.48
C LYS A 20 -1.56 0.70 -4.44
N ALA A 21 -0.89 0.56 -5.58
CA ALA A 21 0.54 0.79 -5.66
C ALA A 21 0.83 2.20 -6.16
N PHE A 22 1.87 2.82 -5.62
CA PHE A 22 2.25 4.17 -6.01
C PHE A 22 3.68 4.19 -6.57
N SER A 23 4.03 5.28 -7.25
CA SER A 23 5.35 5.42 -7.84
C SER A 23 6.42 5.46 -6.76
N SER A 24 6.23 6.34 -5.78
CA SER A 24 7.18 6.49 -4.68
C SER A 24 6.59 5.99 -3.37
N LYS A 25 7.45 5.75 -2.40
CA LYS A 25 7.02 5.26 -1.09
C LYS A 25 6.13 6.29 -0.40
N SER A 26 6.46 7.57 -0.59
CA SER A 26 5.69 8.65 0.01
C SER A 26 4.22 8.56 -0.37
N TYR A 27 3.95 8.59 -1.67
CA TYR A 27 2.59 8.52 -2.17
C TYR A 27 1.83 7.36 -1.52
N LEU A 28 2.53 6.27 -1.26
CA LEU A 28 1.92 5.10 -0.63
C LEU A 28 1.64 5.37 0.85
N ILE A 29 2.62 5.96 1.53
CA ILE A 29 2.48 6.27 2.95
C ILE A 29 1.26 7.16 3.20
N ILE A 30 1.18 8.25 2.46
CA ILE A 30 0.07 9.19 2.60
C ILE A 30 -1.27 8.47 2.45
N HIS A 31 -1.29 7.41 1.65
CA HIS A 31 -2.50 6.63 1.43
C HIS A 31 -2.81 5.74 2.63
N MET A 32 -1.78 5.06 3.14
CA MET A 32 -1.93 4.18 4.29
C MET A 32 -2.59 4.91 5.46
N ARG A 33 -2.56 6.24 5.40
CA ARG A 33 -3.14 7.05 6.46
C ARG A 33 -4.60 6.65 6.71
N THR A 34 -5.27 6.19 5.67
CA THR A 34 -6.66 5.77 5.78
C THR A 34 -6.77 4.36 6.35
N HIS A 35 -5.69 3.60 6.21
CA HIS A 35 -5.66 2.22 6.72
C HIS A 35 -5.17 2.18 8.16
N SER A 36 -6.09 2.38 9.09
CA SER A 36 -5.75 2.37 10.52
C SER A 36 -7.01 2.44 11.37
N GLY A 37 -7.21 1.41 12.19
CA GLY A 37 -8.38 1.37 13.06
C GLY A 37 -8.21 0.42 14.22
N GLU A 38 -7.24 0.71 15.09
CA GLU A 38 -6.98 -0.14 16.24
C GLU A 38 -7.29 0.60 17.54
N LYS A 39 -7.73 -0.15 18.55
CA LYS A 39 -8.06 0.44 19.85
C LYS A 39 -8.20 -0.65 20.91
N PRO A 40 -7.72 -0.36 22.12
CA PRO A 40 -7.77 -1.30 23.26
C PRO A 40 -9.20 -1.49 23.76
N SER A 41 -9.88 -0.37 24.02
CA SER A 41 -11.26 -0.43 24.52
C SER A 41 -12.20 0.33 23.59
N GLY A 42 -13.38 -0.22 23.38
CA GLY A 42 -14.35 0.41 22.50
C GLY A 42 -15.12 1.52 23.20
N PRO A 43 -15.55 2.53 22.42
CA PRO A 43 -16.30 3.67 22.95
C PRO A 43 -17.70 3.28 23.40
N SER A 44 -18.13 2.08 23.03
CA SER A 44 -19.45 1.59 23.40
C SER A 44 -19.74 1.87 24.88
N SER A 45 -20.34 3.01 25.16
CA SER A 45 -20.67 3.39 26.52
C SER A 45 -19.57 2.96 27.49
N GLY A 46 -18.32 3.23 27.10
CA GLY A 46 -17.19 2.86 27.95
C GLY A 46 -15.89 3.45 27.45
ZN ZN B . -4.67 0.93 0.60
N GLY A 1 -13.43 -17.16 -8.52
CA GLY A 1 -13.09 -15.75 -8.49
C GLY A 1 -12.32 -15.31 -9.72
N SER A 2 -11.77 -14.11 -9.67
CA SER A 2 -11.01 -13.57 -10.80
C SER A 2 -9.55 -13.36 -10.41
N SER A 3 -8.68 -13.33 -11.41
CA SER A 3 -7.25 -13.13 -11.19
C SER A 3 -6.96 -11.69 -10.78
N GLY A 4 -7.13 -11.39 -9.50
CA GLY A 4 -6.88 -10.05 -9.00
C GLY A 4 -5.42 -9.64 -9.14
N SER A 5 -4.91 -8.91 -8.16
CA SER A 5 -3.53 -8.45 -8.19
C SER A 5 -2.68 -9.22 -7.18
N SER A 6 -2.25 -10.41 -7.57
CA SER A 6 -1.44 -11.26 -6.69
C SER A 6 0.02 -10.82 -6.74
N GLY A 7 0.53 -10.36 -5.60
CA GLY A 7 1.91 -9.92 -5.53
C GLY A 7 2.04 -8.41 -5.64
N ALA A 8 2.98 -7.95 -6.46
CA ALA A 8 3.22 -6.53 -6.66
C ALA A 8 3.75 -6.25 -8.06
N GLY A 9 3.42 -5.07 -8.59
CA GLY A 9 3.87 -4.70 -9.91
C GLY A 9 5.36 -4.37 -9.94
N GLU A 10 5.75 -3.53 -10.90
CA GLU A 10 7.14 -3.13 -11.04
C GLU A 10 7.46 -1.94 -10.14
N LYS A 11 6.99 -1.99 -8.90
CA LYS A 11 7.22 -0.92 -7.94
C LYS A 11 7.48 -1.47 -6.55
N PRO A 12 8.44 -0.86 -5.84
CA PRO A 12 8.80 -1.28 -4.49
C PRO A 12 7.70 -0.96 -3.46
N TYR A 13 6.95 0.09 -3.73
CA TYR A 13 5.87 0.50 -2.83
C TYR A 13 4.52 -0.03 -3.32
N GLY A 14 4.13 -1.20 -2.83
CA GLY A 14 2.87 -1.80 -3.23
C GLY A 14 2.00 -2.16 -2.05
N CYS A 15 1.16 -1.22 -1.61
CA CYS A 15 0.28 -1.44 -0.48
C CYS A 15 -0.35 -2.84 -0.55
N SER A 16 -0.40 -3.51 0.59
CA SER A 16 -0.96 -4.86 0.67
C SER A 16 -2.38 -4.81 1.23
N GLU A 17 -2.65 -3.81 2.06
CA GLU A 17 -3.97 -3.66 2.67
C GLU A 17 -5.08 -3.79 1.63
N CYS A 18 -4.88 -3.13 0.49
CA CYS A 18 -5.86 -3.17 -0.60
C CYS A 18 -5.19 -3.51 -1.92
N GLY A 19 -4.01 -2.95 -2.14
CA GLY A 19 -3.29 -3.20 -3.38
C GLY A 19 -2.99 -1.94 -4.15
N LYS A 20 -2.82 -0.83 -3.44
CA LYS A 20 -2.53 0.45 -4.07
C LYS A 20 -1.03 0.67 -4.20
N ALA A 21 -0.54 0.64 -5.44
CA ALA A 21 0.88 0.83 -5.71
C ALA A 21 1.19 2.30 -5.98
N PHE A 22 2.45 2.67 -5.82
CA PHE A 22 2.89 4.04 -6.04
C PHE A 22 4.32 4.09 -6.56
N SER A 23 4.84 5.30 -6.72
CA SER A 23 6.20 5.48 -7.22
C SER A 23 7.13 5.92 -6.09
N SER A 24 6.64 6.82 -5.24
CA SER A 24 7.41 7.34 -4.12
C SER A 24 6.92 6.77 -2.80
N LYS A 25 7.77 6.83 -1.78
CA LYS A 25 7.42 6.32 -0.46
C LYS A 25 6.42 7.23 0.24
N SER A 26 6.55 8.54 -0.01
CA SER A 26 5.66 9.52 0.59
C SER A 26 4.24 9.36 0.07
N TYR A 27 4.12 9.08 -1.23
CA TYR A 27 2.82 8.90 -1.86
C TYR A 27 2.05 7.76 -1.21
N LEU A 28 2.72 6.64 -1.01
CA LEU A 28 2.10 5.47 -0.39
C LEU A 28 1.50 5.82 0.96
N ILE A 29 2.29 6.50 1.79
CA ILE A 29 1.82 6.91 3.12
C ILE A 29 0.45 7.58 3.04
N ILE A 30 0.38 8.67 2.28
CA ILE A 30 -0.86 9.40 2.12
C ILE A 30 -2.03 8.46 1.87
N HIS A 31 -1.73 7.28 1.34
CA HIS A 31 -2.75 6.28 1.04
C HIS A 31 -2.93 5.33 2.22
N MET A 32 -1.83 4.96 2.85
CA MET A 32 -1.87 4.05 3.99
C MET A 32 -2.42 4.75 5.23
N ARG A 33 -2.44 6.08 5.18
CA ARG A 33 -2.94 6.87 6.30
C ARG A 33 -4.37 6.49 6.64
N THR A 34 -5.12 6.06 5.63
CA THR A 34 -6.52 5.67 5.82
C THR A 34 -6.62 4.18 6.13
N HIS A 35 -5.52 3.46 5.96
CA HIS A 35 -5.49 2.03 6.22
C HIS A 35 -5.16 1.75 7.68
N SER A 36 -4.13 2.42 8.19
CA SER A 36 -3.72 2.24 9.58
C SER A 36 -4.43 3.23 10.49
N GLY A 37 -4.57 2.86 11.76
CA GLY A 37 -5.23 3.73 12.72
C GLY A 37 -6.30 3.00 13.51
N GLU A 38 -7.37 3.72 13.85
CA GLU A 38 -8.47 3.14 14.62
C GLU A 38 -9.47 2.46 13.70
N LYS A 39 -9.45 1.14 13.67
CA LYS A 39 -10.38 0.37 12.83
C LYS A 39 -11.12 -0.67 13.66
N PRO A 40 -12.18 -0.23 14.37
CA PRO A 40 -12.99 -1.12 15.21
C PRO A 40 -13.82 -2.09 14.38
N SER A 41 -13.65 -2.04 13.06
CA SER A 41 -14.39 -2.91 12.16
C SER A 41 -13.66 -4.25 11.98
N GLY A 42 -13.26 -4.85 13.09
CA GLY A 42 -12.56 -6.12 13.03
C GLY A 42 -11.06 -5.95 12.88
N PRO A 43 -10.38 -5.74 14.01
CA PRO A 43 -8.92 -5.55 14.03
C PRO A 43 -8.17 -6.83 13.70
N SER A 44 -8.91 -7.90 13.44
CA SER A 44 -8.31 -9.19 13.11
C SER A 44 -8.02 -9.29 11.62
N SER A 45 -7.15 -8.40 11.14
CA SER A 45 -6.78 -8.38 9.74
C SER A 45 -8.01 -8.22 8.85
N GLY A 46 -8.84 -7.25 9.17
CA GLY A 46 -10.05 -7.01 8.40
C GLY A 46 -9.75 -6.70 6.94
ZN ZN B . -4.22 0.28 0.13
N GLY A 1 14.81 -23.85 -13.53
CA GLY A 1 15.51 -22.65 -13.12
C GLY A 1 15.24 -21.48 -14.03
N SER A 2 15.45 -20.26 -13.53
CA SER A 2 15.23 -19.06 -14.30
C SER A 2 16.43 -18.13 -14.22
N SER A 3 16.63 -17.34 -15.28
CA SER A 3 17.75 -16.40 -15.34
C SER A 3 17.26 -14.98 -15.57
N GLY A 4 17.44 -14.12 -14.58
CA GLY A 4 17.01 -12.74 -14.70
C GLY A 4 15.51 -12.62 -14.85
N SER A 5 14.83 -12.34 -13.74
CA SER A 5 13.37 -12.19 -13.76
C SER A 5 12.95 -10.87 -13.13
N SER A 6 12.28 -10.03 -13.92
CA SER A 6 11.83 -8.74 -13.45
C SER A 6 13.01 -7.86 -13.02
N GLY A 7 14.07 -7.88 -13.82
CA GLY A 7 15.24 -7.10 -13.52
C GLY A 7 15.52 -7.02 -12.03
N ALA A 8 15.94 -5.85 -11.57
CA ALA A 8 16.24 -5.64 -10.16
C ALA A 8 14.96 -5.44 -9.35
N GLY A 9 14.07 -4.60 -9.87
CA GLY A 9 12.82 -4.33 -9.18
C GLY A 9 12.63 -2.85 -8.88
N GLU A 10 11.81 -2.18 -9.68
CA GLU A 10 11.54 -0.76 -9.49
C GLU A 10 10.10 -0.53 -9.06
N LYS A 11 9.91 0.49 -8.21
CA LYS A 11 8.58 0.81 -7.72
C LYS A 11 7.92 -0.40 -7.06
N PRO A 12 8.69 -1.11 -6.24
CA PRO A 12 8.20 -2.31 -5.54
C PRO A 12 7.19 -1.97 -4.45
N TYR A 13 6.90 -0.69 -4.31
CA TYR A 13 5.94 -0.23 -3.31
C TYR A 13 4.52 -0.60 -3.70
N GLY A 14 3.63 -0.66 -2.71
CA GLY A 14 2.24 -1.01 -2.98
C GLY A 14 1.46 -1.30 -1.71
N CYS A 15 0.24 -0.79 -1.64
CA CYS A 15 -0.61 -0.99 -0.47
C CYS A 15 -1.09 -2.44 -0.40
N SER A 16 -0.50 -3.21 0.51
CA SER A 16 -0.86 -4.61 0.68
C SER A 16 -2.03 -4.76 1.65
N GLU A 17 -2.98 -3.82 1.57
CA GLU A 17 -4.15 -3.84 2.43
C GLU A 17 -5.44 -3.88 1.61
N CYS A 18 -5.62 -2.85 0.78
CA CYS A 18 -6.80 -2.77 -0.06
C CYS A 18 -6.50 -3.22 -1.48
N GLY A 19 -5.36 -2.80 -2.01
CA GLY A 19 -4.97 -3.17 -3.35
C GLY A 19 -4.61 -1.98 -4.20
N LYS A 20 -3.86 -1.05 -3.63
CA LYS A 20 -3.44 0.16 -4.34
C LYS A 20 -1.94 0.13 -4.61
N ALA A 21 -1.52 0.79 -5.70
CA ALA A 21 -0.11 0.84 -6.06
C ALA A 21 0.34 2.28 -6.26
N PHE A 22 1.64 2.52 -6.10
CA PHE A 22 2.20 3.85 -6.25
C PHE A 22 3.58 3.79 -6.90
N SER A 23 4.16 4.96 -7.14
CA SER A 23 5.48 5.04 -7.76
C SER A 23 6.58 5.24 -6.71
N SER A 24 6.29 6.10 -5.73
CA SER A 24 7.24 6.39 -4.66
C SER A 24 6.67 5.99 -3.31
N LYS A 25 7.55 5.88 -2.32
CA LYS A 25 7.15 5.50 -0.97
C LYS A 25 6.25 6.57 -0.36
N SER A 26 6.70 7.82 -0.41
CA SER A 26 5.94 8.93 0.15
C SER A 26 4.46 8.79 -0.18
N TYR A 27 4.16 8.62 -1.46
CA TYR A 27 2.78 8.49 -1.92
C TYR A 27 2.09 7.33 -1.19
N LEU A 28 2.75 6.19 -1.12
CA LEU A 28 2.21 5.01 -0.46
C LEU A 28 1.86 5.32 1.00
N ILE A 29 2.75 6.04 1.67
CA ILE A 29 2.54 6.41 3.06
C ILE A 29 1.27 7.24 3.22
N ILE A 30 1.24 8.41 2.59
CA ILE A 30 0.09 9.30 2.66
C ILE A 30 -1.21 8.51 2.51
N HIS A 31 -1.16 7.42 1.76
CA HIS A 31 -2.33 6.58 1.54
C HIS A 31 -2.63 5.74 2.78
N MET A 32 -1.59 5.11 3.33
CA MET A 32 -1.74 4.26 4.51
C MET A 32 -2.52 5.00 5.60
N ARG A 33 -2.44 6.33 5.59
CA ARG A 33 -3.12 7.15 6.58
C ARG A 33 -4.54 6.64 6.81
N THR A 34 -5.21 6.24 5.73
CA THR A 34 -6.58 5.74 5.81
C THR A 34 -6.62 4.38 6.50
N HIS A 35 -5.71 3.49 6.10
CA HIS A 35 -5.64 2.15 6.68
C HIS A 35 -5.02 2.20 8.08
N SER A 36 -3.73 2.48 8.14
CA SER A 36 -3.02 2.55 9.41
C SER A 36 -2.86 3.99 9.87
N GLY A 37 -3.82 4.46 10.66
CA GLY A 37 -3.78 5.82 11.17
C GLY A 37 -4.73 6.05 12.32
N GLU A 38 -4.71 5.14 13.29
CA GLU A 38 -5.59 5.24 14.46
C GLU A 38 -4.78 5.48 15.72
N LYS A 39 -4.45 6.74 15.98
CA LYS A 39 -3.67 7.11 17.16
C LYS A 39 -4.23 8.37 17.81
N PRO A 40 -4.26 8.39 19.15
CA PRO A 40 -4.76 9.54 19.91
C PRO A 40 -3.83 10.75 19.82
N SER A 41 -4.42 11.94 19.88
CA SER A 41 -3.65 13.18 19.80
C SER A 41 -3.70 13.94 21.12
N GLY A 42 -2.89 13.50 22.07
CA GLY A 42 -2.86 14.15 23.37
C GLY A 42 -4.23 14.62 23.83
N PRO A 43 -5.04 13.67 24.33
CA PRO A 43 -6.39 13.96 24.81
C PRO A 43 -6.39 14.79 26.10
N SER A 44 -6.31 16.11 25.94
CA SER A 44 -6.30 17.01 27.09
C SER A 44 -7.52 17.92 27.07
N SER A 45 -7.78 18.56 28.21
CA SER A 45 -8.92 19.47 28.32
C SER A 45 -8.56 20.68 29.18
N GLY A 46 -9.14 21.83 28.83
CA GLY A 46 -8.87 23.05 29.58
C GLY A 46 -10.06 23.99 29.60
ZN ZN B . -4.92 0.94 0.56
N GLY A 1 -1.79 -16.18 -18.45
CA GLY A 1 -1.53 -14.77 -18.21
C GLY A 1 -0.10 -14.38 -18.56
N SER A 2 0.69 -14.05 -17.54
CA SER A 2 2.08 -13.66 -17.75
C SER A 2 2.16 -12.41 -18.64
N SER A 3 1.29 -11.45 -18.38
CA SER A 3 1.25 -10.22 -19.15
C SER A 3 2.30 -9.23 -18.65
N GLY A 4 3.12 -8.71 -19.55
CA GLY A 4 4.14 -7.76 -19.18
C GLY A 4 3.68 -6.32 -19.32
N SER A 5 2.62 -5.98 -18.59
CA SER A 5 2.07 -4.63 -18.64
C SER A 5 3.17 -3.59 -18.50
N SER A 6 4.06 -3.80 -17.53
CA SER A 6 5.17 -2.89 -17.29
C SER A 6 6.42 -3.33 -18.02
N GLY A 7 7.33 -2.39 -18.27
CA GLY A 7 8.56 -2.71 -18.97
C GLY A 7 9.61 -3.31 -18.06
N ALA A 8 10.11 -2.50 -17.13
CA ALA A 8 11.13 -2.97 -16.19
C ALA A 8 10.51 -3.83 -15.10
N GLY A 9 9.38 -3.37 -14.56
CA GLY A 9 8.71 -4.11 -13.50
C GLY A 9 7.76 -3.24 -12.70
N GLU A 10 7.86 -3.33 -11.38
CA GLU A 10 7.00 -2.54 -10.49
C GLU A 10 7.79 -2.00 -9.31
N LYS A 11 7.46 -0.79 -8.88
CA LYS A 11 8.13 -0.16 -7.75
C LYS A 11 8.13 -1.07 -6.53
N PRO A 12 9.08 -0.83 -5.62
CA PRO A 12 9.21 -1.62 -4.39
C PRO A 12 8.06 -1.36 -3.41
N TYR A 13 7.57 -0.14 -3.39
CA TYR A 13 6.48 0.23 -2.50
C TYR A 13 5.12 -0.14 -3.11
N GLY A 14 4.18 -0.50 -2.26
CA GLY A 14 2.86 -0.88 -2.73
C GLY A 14 1.96 -1.35 -1.61
N CYS A 15 0.80 -0.69 -1.47
CA CYS A 15 -0.14 -1.06 -0.42
C CYS A 15 -0.63 -2.49 -0.59
N SER A 16 -0.72 -3.22 0.52
CA SER A 16 -1.16 -4.61 0.50
C SER A 16 -2.58 -4.73 1.03
N GLU A 17 -2.93 -3.87 1.98
CA GLU A 17 -4.26 -3.89 2.58
C GLU A 17 -5.34 -4.04 1.50
N CYS A 18 -5.29 -3.16 0.51
CA CYS A 18 -6.25 -3.18 -0.58
C CYS A 18 -5.58 -3.56 -1.90
N GLY A 19 -4.36 -3.09 -2.09
CA GLY A 19 -3.62 -3.39 -3.31
C GLY A 19 -3.46 -2.18 -4.20
N LYS A 20 -2.83 -1.13 -3.67
CA LYS A 20 -2.62 0.10 -4.43
C LYS A 20 -1.14 0.47 -4.46
N ALA A 21 -0.56 0.46 -5.66
CA ALA A 21 0.85 0.80 -5.82
C ALA A 21 1.02 2.27 -6.17
N PHE A 22 2.21 2.80 -5.90
CA PHE A 22 2.51 4.21 -6.18
C PHE A 22 3.89 4.35 -6.80
N SER A 23 4.22 5.58 -7.22
CA SER A 23 5.51 5.85 -7.84
C SER A 23 6.60 5.99 -6.78
N SER A 24 6.29 6.72 -5.71
CA SER A 24 7.25 6.94 -4.64
C SER A 24 6.69 6.44 -3.30
N LYS A 25 7.56 6.36 -2.30
CA LYS A 25 7.15 5.89 -0.98
C LYS A 25 6.15 6.85 -0.35
N SER A 26 6.54 8.12 -0.23
CA SER A 26 5.67 9.13 0.37
C SER A 26 4.23 8.94 -0.08
N TYR A 27 4.03 8.75 -1.38
CA TYR A 27 2.70 8.55 -1.93
C TYR A 27 1.97 7.42 -1.20
N LEU A 28 2.70 6.35 -0.91
CA LEU A 28 2.12 5.20 -0.22
C LEU A 28 1.67 5.59 1.19
N ILE A 29 2.53 6.28 1.92
CA ILE A 29 2.21 6.72 3.27
C ILE A 29 0.90 7.48 3.31
N ILE A 30 0.70 8.36 2.33
CA ILE A 30 -0.51 9.16 2.24
C ILE A 30 -1.75 8.27 2.08
N HIS A 31 -1.53 7.07 1.55
CA HIS A 31 -2.62 6.13 1.34
C HIS A 31 -2.73 5.14 2.51
N MET A 32 -1.62 4.95 3.22
CA MET A 32 -1.59 4.04 4.36
C MET A 32 -2.06 4.75 5.62
N ARG A 33 -2.25 6.05 5.53
CA ARG A 33 -2.70 6.85 6.67
C ARG A 33 -4.21 6.70 6.88
N THR A 34 -4.90 6.25 5.83
CA THR A 34 -6.34 6.06 5.90
C THR A 34 -6.69 4.62 6.26
N HIS A 35 -5.91 3.68 5.73
CA HIS A 35 -6.15 2.27 6.00
C HIS A 35 -6.11 1.98 7.50
N SER A 36 -7.25 2.15 8.15
CA SER A 36 -7.34 1.91 9.59
C SER A 36 -7.17 0.43 9.91
N GLY A 37 -6.24 0.13 10.81
CA GLY A 37 -5.99 -1.26 11.19
C GLY A 37 -4.62 -1.44 11.81
N GLU A 38 -4.31 -0.62 12.82
CA GLU A 38 -3.03 -0.71 13.50
C GLU A 38 -2.88 -2.05 14.22
N LYS A 39 -1.86 -2.81 13.83
CA LYS A 39 -1.61 -4.11 14.44
C LYS A 39 -0.25 -4.66 14.00
N PRO A 40 0.43 -5.36 14.92
CA PRO A 40 1.74 -5.95 14.65
C PRO A 40 1.66 -7.13 13.69
N SER A 41 2.15 -6.92 12.47
CA SER A 41 2.13 -7.97 11.46
C SER A 41 3.47 -8.70 11.39
N GLY A 42 3.62 -9.73 12.21
CA GLY A 42 4.85 -10.50 12.24
C GLY A 42 5.77 -10.08 13.36
N PRO A 43 6.77 -10.91 13.66
CA PRO A 43 7.75 -10.64 14.73
C PRO A 43 8.68 -9.49 14.38
N SER A 44 8.49 -8.92 13.19
CA SER A 44 9.32 -7.81 12.74
C SER A 44 9.74 -6.93 13.90
N SER A 45 11.00 -7.03 14.29
CA SER A 45 11.54 -6.25 15.41
C SER A 45 13.04 -6.46 15.56
N GLY A 46 13.65 -5.68 16.44
CA GLY A 46 15.07 -5.80 16.67
C GLY A 46 15.85 -4.62 16.13
ZN ZN B . -4.67 0.46 0.03
N GLY A 1 9.52 -20.85 -14.37
CA GLY A 1 9.56 -19.94 -13.24
C GLY A 1 10.34 -18.68 -13.55
N SER A 2 11.13 -18.23 -12.57
CA SER A 2 11.92 -17.01 -12.73
C SER A 2 13.37 -17.37 -13.11
N SER A 3 13.94 -16.58 -14.01
CA SER A 3 15.31 -16.80 -14.45
C SER A 3 16.21 -15.62 -14.07
N GLY A 4 15.78 -14.42 -14.44
CA GLY A 4 16.55 -13.23 -14.13
C GLY A 4 15.67 -12.04 -13.76
N SER A 5 15.78 -10.97 -14.53
CA SER A 5 14.98 -9.77 -14.28
C SER A 5 14.00 -9.51 -15.41
N SER A 6 12.71 -9.62 -15.10
CA SER A 6 11.66 -9.41 -16.09
C SER A 6 11.41 -7.93 -16.30
N GLY A 7 11.13 -7.22 -15.21
CA GLY A 7 10.88 -5.79 -15.28
C GLY A 7 12.13 -4.97 -15.15
N ALA A 8 12.49 -4.26 -16.21
CA ALA A 8 13.68 -3.41 -16.20
C ALA A 8 13.86 -2.72 -14.86
N GLY A 9 12.81 -2.08 -14.39
CA GLY A 9 12.86 -1.39 -13.11
C GLY A 9 11.49 -1.25 -12.45
N GLU A 10 11.39 -1.77 -11.23
CA GLU A 10 10.13 -1.71 -10.49
C GLU A 10 10.36 -1.26 -9.06
N LYS A 11 9.28 -0.88 -8.38
CA LYS A 11 9.37 -0.43 -7.01
C LYS A 11 8.49 -1.28 -6.09
N PRO A 12 8.96 -1.52 -4.87
CA PRO A 12 8.25 -2.33 -3.87
C PRO A 12 6.99 -1.62 -3.36
N TYR A 13 7.04 -0.30 -3.31
CA TYR A 13 5.91 0.49 -2.84
C TYR A 13 4.60 -0.09 -3.32
N GLY A 14 3.84 -0.70 -2.41
CA GLY A 14 2.57 -1.29 -2.76
C GLY A 14 1.69 -1.57 -1.55
N CYS A 15 0.51 -0.98 -1.54
CA CYS A 15 -0.42 -1.16 -0.43
C CYS A 15 -0.96 -2.59 -0.40
N SER A 16 -0.42 -3.39 0.52
CA SER A 16 -0.85 -4.78 0.66
C SER A 16 -2.06 -4.89 1.59
N GLU A 17 -2.97 -3.93 1.49
CA GLU A 17 -4.16 -3.92 2.32
C GLU A 17 -5.43 -3.95 1.46
N CYS A 18 -5.58 -2.94 0.62
CA CYS A 18 -6.74 -2.85 -0.25
C CYS A 18 -6.36 -3.17 -1.69
N GLY A 19 -5.23 -2.64 -2.15
CA GLY A 19 -4.77 -2.88 -3.50
C GLY A 19 -4.54 -1.60 -4.27
N LYS A 20 -3.70 -0.73 -3.72
CA LYS A 20 -3.38 0.54 -4.37
C LYS A 20 -1.87 0.74 -4.46
N ALA A 21 -1.37 0.84 -5.68
CA ALA A 21 0.05 1.04 -5.91
C ALA A 21 0.36 2.48 -6.29
N PHE A 22 1.60 2.91 -6.07
CA PHE A 22 2.02 4.27 -6.40
C PHE A 22 3.38 4.27 -7.07
N SER A 23 3.80 5.44 -7.53
CA SER A 23 5.09 5.59 -8.21
C SER A 23 6.20 5.87 -7.19
N SER A 24 5.90 6.70 -6.21
CA SER A 24 6.87 7.05 -5.18
C SER A 24 6.51 6.42 -3.84
N LYS A 25 7.49 6.35 -2.95
CA LYS A 25 7.27 5.76 -1.63
C LYS A 25 6.32 6.61 -0.80
N SER A 26 6.68 7.88 -0.62
CA SER A 26 5.86 8.80 0.16
C SER A 26 4.39 8.61 -0.15
N TYR A 27 4.04 8.65 -1.43
CA TYR A 27 2.66 8.50 -1.86
C TYR A 27 2.00 7.32 -1.13
N LEU A 28 2.66 6.17 -1.16
CA LEU A 28 2.14 4.98 -0.50
C LEU A 28 1.87 5.25 0.98
N ILE A 29 2.84 5.85 1.66
CA ILE A 29 2.70 6.16 3.07
C ILE A 29 1.45 6.98 3.34
N ILE A 30 1.37 8.14 2.70
CA ILE A 30 0.21 9.02 2.86
C ILE A 30 -1.09 8.24 2.75
N HIS A 31 -1.12 7.28 1.84
CA HIS A 31 -2.31 6.45 1.63
C HIS A 31 -2.57 5.57 2.84
N MET A 32 -1.52 4.91 3.33
CA MET A 32 -1.64 4.02 4.48
C MET A 32 -2.35 4.73 5.64
N ARG A 33 -2.28 6.06 5.64
CA ARG A 33 -2.92 6.85 6.69
C ARG A 33 -4.41 6.52 6.79
N THR A 34 -5.02 6.26 5.64
CA THR A 34 -6.44 5.93 5.60
C THR A 34 -6.72 4.59 6.28
N HIS A 35 -5.86 3.62 6.03
CA HIS A 35 -6.01 2.29 6.62
C HIS A 35 -5.62 2.30 8.10
N SER A 36 -4.39 2.72 8.38
CA SER A 36 -3.90 2.77 9.75
C SER A 36 -4.62 3.87 10.54
N GLY A 37 -4.61 3.73 11.87
CA GLY A 37 -5.27 4.70 12.71
C GLY A 37 -5.30 4.28 14.17
N GLU A 38 -6.35 3.53 14.53
CA GLU A 38 -6.49 3.06 15.91
C GLU A 38 -6.27 1.55 15.99
N LYS A 39 -5.05 1.16 16.33
CA LYS A 39 -4.70 -0.26 16.45
C LYS A 39 -5.88 -1.05 17.02
N PRO A 40 -6.12 -2.24 16.45
CA PRO A 40 -7.20 -3.12 16.88
C PRO A 40 -6.94 -3.73 18.25
N SER A 41 -7.95 -3.73 19.10
CA SER A 41 -7.83 -4.28 20.44
C SER A 41 -6.79 -3.53 21.25
N GLY A 42 -6.77 -2.20 21.10
CA GLY A 42 -5.82 -1.39 21.82
C GLY A 42 -6.21 -1.18 23.27
N PRO A 43 -5.64 -0.14 23.90
CA PRO A 43 -5.91 0.19 25.30
C PRO A 43 -7.32 0.72 25.50
N SER A 44 -7.84 1.42 24.50
CA SER A 44 -9.17 1.99 24.58
C SER A 44 -9.81 2.07 23.19
N SER A 45 -10.75 1.16 22.92
CA SER A 45 -11.43 1.12 21.63
C SER A 45 -12.83 1.71 21.74
N GLY A 46 -13.17 2.59 20.81
CA GLY A 46 -14.48 3.21 20.81
C GLY A 46 -15.25 2.96 19.53
ZN ZN B . -4.76 0.78 0.60
N GLY A 1 -1.71 -19.39 -23.08
CA GLY A 1 -0.45 -18.67 -23.09
C GLY A 1 -0.61 -17.22 -23.53
N SER A 2 -0.54 -16.99 -24.84
CA SER A 2 -0.67 -15.65 -25.39
C SER A 2 0.04 -14.63 -24.50
N SER A 3 1.23 -14.99 -24.03
CA SER A 3 2.01 -14.11 -23.17
C SER A 3 2.92 -13.21 -24.00
N GLY A 4 3.13 -11.99 -23.51
CA GLY A 4 3.98 -11.05 -24.22
C GLY A 4 5.41 -11.05 -23.71
N SER A 5 6.34 -10.59 -24.54
CA SER A 5 7.75 -10.55 -24.16
C SER A 5 8.12 -9.17 -23.61
N SER A 6 7.89 -8.97 -22.32
CA SER A 6 8.19 -7.69 -21.68
C SER A 6 8.61 -7.90 -20.23
N GLY A 7 9.72 -7.28 -19.84
CA GLY A 7 10.22 -7.41 -18.49
C GLY A 7 10.54 -6.06 -17.85
N ALA A 8 10.29 -5.95 -16.55
CA ALA A 8 10.55 -4.71 -15.83
C ALA A 8 10.41 -4.91 -14.33
N GLY A 9 11.20 -4.17 -13.55
CA GLY A 9 11.15 -4.28 -12.11
C GLY A 9 10.29 -3.21 -11.48
N GLU A 10 9.06 -3.56 -11.16
CA GLU A 10 8.13 -2.61 -10.54
C GLU A 10 8.70 -2.06 -9.25
N LYS A 11 8.09 -0.99 -8.75
CA LYS A 11 8.53 -0.35 -7.52
C LYS A 11 8.34 -1.29 -6.33
N PRO A 12 9.27 -1.23 -5.36
CA PRO A 12 9.23 -2.06 -4.16
C PRO A 12 8.10 -1.67 -3.22
N TYR A 13 7.41 -0.58 -3.54
CA TYR A 13 6.30 -0.10 -2.73
C TYR A 13 4.97 -0.61 -3.28
N GLY A 14 3.98 -0.72 -2.39
CA GLY A 14 2.67 -1.19 -2.81
C GLY A 14 1.75 -1.47 -1.63
N CYS A 15 0.71 -0.66 -1.49
CA CYS A 15 -0.24 -0.82 -0.40
C CYS A 15 -0.70 -2.27 -0.30
N SER A 16 -0.12 -3.00 0.66
CA SER A 16 -0.47 -4.40 0.87
C SER A 16 -1.72 -4.53 1.74
N GLU A 17 -2.69 -3.65 1.50
CA GLU A 17 -3.93 -3.66 2.27
C GLU A 17 -5.14 -3.78 1.33
N CYS A 18 -5.24 -2.86 0.38
CA CYS A 18 -6.34 -2.87 -0.57
C CYS A 18 -5.86 -3.25 -1.97
N GLY A 19 -4.72 -2.71 -2.36
CA GLY A 19 -4.16 -3.01 -3.67
C GLY A 19 -3.87 -1.76 -4.48
N LYS A 20 -3.32 -0.75 -3.82
CA LYS A 20 -3.00 0.52 -4.48
C LYS A 20 -1.48 0.74 -4.51
N ALA A 21 -0.93 0.81 -5.71
CA ALA A 21 0.51 1.03 -5.87
C ALA A 21 0.80 2.49 -6.20
N PHE A 22 1.95 2.98 -5.74
CA PHE A 22 2.35 4.35 -5.99
C PHE A 22 3.79 4.42 -6.49
N SER A 23 4.02 5.29 -7.47
CA SER A 23 5.36 5.45 -8.05
C SER A 23 6.38 5.73 -6.96
N SER A 24 6.04 6.62 -6.05
CA SER A 24 6.94 6.99 -4.96
C SER A 24 6.52 6.32 -3.66
N LYS A 25 7.39 6.38 -2.65
CA LYS A 25 7.11 5.77 -1.36
C LYS A 25 6.24 6.70 -0.51
N SER A 26 6.64 7.96 -0.41
CA SER A 26 5.90 8.94 0.36
C SER A 26 4.41 8.85 0.08
N TYR A 27 4.06 8.89 -1.21
CA TYR A 27 2.65 8.82 -1.61
C TYR A 27 1.95 7.65 -0.94
N LEU A 28 2.53 6.45 -1.07
CA LEU A 28 1.97 5.25 -0.47
C LEU A 28 1.59 5.50 0.98
N ILE A 29 2.49 6.13 1.72
CA ILE A 29 2.25 6.42 3.14
C ILE A 29 0.99 7.24 3.31
N ILE A 30 0.92 8.38 2.64
CA ILE A 30 -0.25 9.26 2.73
C ILE A 30 -1.54 8.48 2.50
N HIS A 31 -1.44 7.40 1.73
CA HIS A 31 -2.60 6.57 1.43
C HIS A 31 -2.93 5.65 2.60
N MET A 32 -1.91 4.99 3.14
CA MET A 32 -2.08 4.09 4.27
C MET A 32 -2.69 4.83 5.46
N ARG A 33 -2.55 6.15 5.47
CA ARG A 33 -3.09 6.97 6.55
C ARG A 33 -4.47 6.49 6.97
N THR A 34 -5.27 6.08 5.99
CA THR A 34 -6.62 5.60 6.26
C THR A 34 -6.62 4.12 6.61
N HIS A 35 -5.77 3.35 5.92
CA HIS A 35 -5.67 1.92 6.17
C HIS A 35 -5.15 1.64 7.57
N SER A 36 -6.05 1.64 8.54
CA SER A 36 -5.69 1.39 9.93
C SER A 36 -5.97 -0.06 10.32
N GLY A 37 -6.95 -0.65 9.66
CA GLY A 37 -7.30 -2.04 9.95
C GLY A 37 -7.51 -2.28 11.43
N GLU A 38 -8.61 -1.75 11.96
CA GLU A 38 -8.92 -1.91 13.38
C GLU A 38 -9.60 -3.25 13.63
N LYS A 39 -9.91 -3.97 12.56
CA LYS A 39 -10.55 -5.27 12.66
C LYS A 39 -9.96 -6.26 11.65
N PRO A 40 -9.71 -7.49 12.10
CA PRO A 40 -9.14 -8.54 11.26
C PRO A 40 -10.13 -9.03 10.20
N SER A 41 -11.31 -8.40 10.17
CA SER A 41 -12.34 -8.77 9.20
C SER A 41 -12.04 -8.18 7.83
N GLY A 42 -12.17 -9.02 6.80
CA GLY A 42 -11.90 -8.57 5.44
C GLY A 42 -13.04 -8.90 4.49
N PRO A 43 -13.02 -8.26 3.31
CA PRO A 43 -14.06 -8.48 2.29
C PRO A 43 -13.96 -9.86 1.66
N SER A 44 -12.95 -10.62 2.06
CA SER A 44 -12.75 -11.97 1.54
C SER A 44 -12.26 -11.92 0.09
N SER A 45 -11.37 -10.96 -0.18
CA SER A 45 -10.82 -10.80 -1.52
C SER A 45 -11.92 -10.86 -2.58
N GLY A 46 -13.06 -10.26 -2.27
CA GLY A 46 -14.17 -10.26 -3.19
C GLY A 46 -14.85 -11.62 -3.29
ZN ZN B . -4.81 0.98 -0.11
N GLY A 1 17.32 -24.62 -17.08
CA GLY A 1 16.75 -25.29 -15.92
C GLY A 1 15.25 -25.16 -15.86
N SER A 2 14.76 -24.38 -14.91
CA SER A 2 13.32 -24.17 -14.74
C SER A 2 13.02 -22.79 -14.17
N SER A 3 12.26 -22.00 -14.90
CA SER A 3 11.91 -20.65 -14.47
C SER A 3 10.42 -20.40 -14.65
N GLY A 4 9.95 -19.25 -14.15
CA GLY A 4 8.54 -18.91 -14.27
C GLY A 4 8.07 -18.05 -13.11
N SER A 5 7.99 -16.74 -13.34
CA SER A 5 7.55 -15.81 -12.31
C SER A 5 7.30 -14.43 -12.91
N SER A 6 6.84 -13.50 -12.06
CA SER A 6 6.56 -12.14 -12.50
C SER A 6 7.56 -11.16 -11.90
N GLY A 7 7.63 -9.96 -12.49
CA GLY A 7 8.55 -8.95 -11.99
C GLY A 7 8.78 -7.85 -13.00
N ALA A 8 8.37 -6.63 -12.66
CA ALA A 8 8.53 -5.49 -13.54
C ALA A 8 8.62 -4.19 -12.75
N GLY A 9 9.38 -3.22 -13.27
CA GLY A 9 9.54 -1.95 -12.60
C GLY A 9 10.16 -2.10 -11.22
N GLU A 10 11.13 -1.25 -10.92
CA GLU A 10 11.82 -1.28 -9.64
C GLU A 10 11.01 -0.55 -8.57
N LYS A 11 9.71 -0.83 -8.51
CA LYS A 11 8.83 -0.19 -7.54
C LYS A 11 8.15 -1.25 -6.67
N PRO A 12 8.89 -1.72 -5.64
CA PRO A 12 8.37 -2.73 -4.71
C PRO A 12 7.29 -2.17 -3.79
N TYR A 13 6.93 -0.91 -4.01
CA TYR A 13 5.90 -0.27 -3.20
C TYR A 13 4.51 -0.59 -3.73
N GLY A 14 3.58 -0.86 -2.82
CA GLY A 14 2.22 -1.18 -3.22
C GLY A 14 1.38 -1.64 -2.05
N CYS A 15 0.50 -0.76 -1.57
CA CYS A 15 -0.38 -1.08 -0.44
C CYS A 15 -1.03 -2.44 -0.64
N SER A 16 -0.90 -3.30 0.37
CA SER A 16 -1.48 -4.63 0.29
C SER A 16 -2.83 -4.68 1.03
N GLU A 17 -2.97 -3.83 2.05
CA GLU A 17 -4.20 -3.78 2.82
C GLU A 17 -5.42 -3.74 1.91
N CYS A 18 -5.35 -2.92 0.86
CA CYS A 18 -6.44 -2.78 -0.10
C CYS A 18 -5.97 -3.10 -1.51
N GLY A 19 -4.74 -2.71 -1.82
CA GLY A 19 -4.19 -2.95 -3.14
C GLY A 19 -4.02 -1.67 -3.94
N LYS A 20 -3.46 -0.65 -3.30
CA LYS A 20 -3.23 0.64 -3.97
C LYS A 20 -1.75 0.90 -4.15
N ALA A 21 -1.32 0.95 -5.40
CA ALA A 21 0.09 1.20 -5.73
C ALA A 21 0.34 2.67 -6.00
N PHE A 22 1.61 3.06 -6.04
CA PHE A 22 1.98 4.45 -6.30
C PHE A 22 3.35 4.53 -6.97
N SER A 23 3.79 5.75 -7.25
CA SER A 23 5.08 5.97 -7.90
C SER A 23 6.22 5.80 -6.90
N SER A 24 6.14 6.52 -5.79
CA SER A 24 7.17 6.45 -4.76
C SER A 24 6.59 5.95 -3.44
N LYS A 25 7.45 5.72 -2.46
CA LYS A 25 7.03 5.24 -1.15
C LYS A 25 6.18 6.28 -0.45
N SER A 26 6.49 7.55 -0.66
CA SER A 26 5.76 8.64 -0.04
C SER A 26 4.28 8.58 -0.40
N TYR A 27 4.00 8.54 -1.70
CA TYR A 27 2.63 8.48 -2.18
C TYR A 27 1.86 7.34 -1.52
N LEU A 28 2.56 6.23 -1.28
CA LEU A 28 1.95 5.07 -0.65
C LEU A 28 1.74 5.30 0.84
N ILE A 29 2.74 5.89 1.49
CA ILE A 29 2.65 6.18 2.92
C ILE A 29 1.46 7.07 3.23
N ILE A 30 1.31 8.15 2.48
CA ILE A 30 0.20 9.07 2.68
C ILE A 30 -1.14 8.36 2.58
N HIS A 31 -1.20 7.36 1.71
CA HIS A 31 -2.44 6.60 1.51
C HIS A 31 -2.71 5.71 2.72
N MET A 32 -1.66 5.10 3.25
CA MET A 32 -1.78 4.22 4.41
C MET A 32 -2.49 4.94 5.56
N ARG A 33 -2.55 6.26 5.48
CA ARG A 33 -3.19 7.07 6.50
C ARG A 33 -4.64 6.62 6.72
N THR A 34 -5.27 6.14 5.65
CA THR A 34 -6.66 5.69 5.73
C THR A 34 -6.74 4.29 6.34
N HIS A 35 -5.62 3.57 6.34
CA HIS A 35 -5.56 2.23 6.89
C HIS A 35 -5.12 2.26 8.36
N SER A 36 -3.89 2.68 8.59
CA SER A 36 -3.34 2.76 9.93
C SER A 36 -4.43 3.15 10.94
N GLY A 37 -5.24 4.13 10.57
CA GLY A 37 -6.31 4.58 11.43
C GLY A 37 -7.68 4.21 10.92
N GLU A 38 -8.51 3.62 11.78
CA GLU A 38 -9.85 3.22 11.39
C GLU A 38 -10.75 3.10 12.62
N LYS A 39 -11.79 3.92 12.66
CA LYS A 39 -12.74 3.91 13.77
C LYS A 39 -13.56 2.63 13.78
N PRO A 40 -14.02 2.21 14.97
CA PRO A 40 -14.83 1.01 15.14
C PRO A 40 -16.22 1.16 14.54
N SER A 41 -16.33 0.91 13.24
CA SER A 41 -17.61 1.02 12.55
C SER A 41 -18.05 -0.33 11.99
N GLY A 42 -18.00 -1.36 12.84
CA GLY A 42 -18.39 -2.69 12.40
C GLY A 42 -19.72 -3.12 12.98
N PRO A 43 -20.82 -2.71 12.34
CA PRO A 43 -22.18 -3.04 12.78
C PRO A 43 -22.50 -4.52 12.58
N SER A 44 -23.33 -5.06 13.46
CA SER A 44 -23.72 -6.46 13.39
C SER A 44 -24.37 -6.77 12.05
N SER A 45 -25.51 -6.12 11.79
CA SER A 45 -26.24 -6.33 10.55
C SER A 45 -26.22 -5.06 9.69
N GLY A 46 -26.06 -5.25 8.39
CA GLY A 46 -26.03 -4.12 7.47
C GLY A 46 -27.29 -4.00 6.64
ZN ZN B . -4.68 0.92 0.73
N GLY A 1 -7.87 -13.88 -16.99
CA GLY A 1 -7.09 -12.87 -17.71
C GLY A 1 -5.85 -13.45 -18.34
N SER A 2 -4.68 -13.06 -17.83
CA SER A 2 -3.40 -13.53 -18.36
C SER A 2 -3.13 -12.93 -19.74
N SER A 3 -3.25 -11.62 -19.83
CA SER A 3 -3.02 -10.91 -21.09
C SER A 3 -1.55 -11.00 -21.49
N GLY A 4 -0.67 -10.46 -20.65
CA GLY A 4 0.75 -10.48 -20.94
C GLY A 4 1.45 -9.20 -20.55
N SER A 5 2.65 -9.31 -20.03
CA SER A 5 3.42 -8.14 -19.61
C SER A 5 4.92 -8.38 -19.82
N SER A 6 5.68 -7.29 -19.84
CA SER A 6 7.12 -7.37 -20.03
C SER A 6 7.86 -6.73 -18.86
N GLY A 7 9.11 -7.16 -18.66
CA GLY A 7 9.91 -6.61 -17.57
C GLY A 7 9.26 -6.84 -16.21
N ALA A 8 9.26 -8.08 -15.76
CA ALA A 8 8.67 -8.42 -14.46
C ALA A 8 9.44 -7.77 -13.32
N GLY A 9 8.95 -6.64 -12.85
CA GLY A 9 9.60 -5.94 -11.76
C GLY A 9 8.77 -4.79 -11.22
N GLU A 10 7.67 -5.12 -10.56
CA GLU A 10 6.79 -4.10 -10.00
C GLU A 10 7.52 -3.25 -8.97
N LYS A 11 7.12 -1.98 -8.87
CA LYS A 11 7.74 -1.06 -7.93
C LYS A 11 7.51 -1.51 -6.49
N PRO A 12 8.44 -1.14 -5.60
CA PRO A 12 8.35 -1.50 -4.17
C PRO A 12 7.22 -0.77 -3.46
N TYR A 13 6.73 0.30 -4.07
CA TYR A 13 5.64 1.07 -3.49
C TYR A 13 4.29 0.44 -3.79
N GLY A 14 3.94 -0.59 -3.02
CA GLY A 14 2.68 -1.26 -3.22
C GLY A 14 1.97 -1.57 -1.92
N CYS A 15 0.84 -0.90 -1.68
CA CYS A 15 0.07 -1.11 -0.47
C CYS A 15 -0.32 -2.57 -0.30
N SER A 16 0.30 -3.23 0.67
CA SER A 16 0.04 -4.64 0.94
C SER A 16 -1.19 -4.80 1.84
N GLU A 17 -2.22 -4.00 1.57
CA GLU A 17 -3.45 -4.06 2.35
C GLU A 17 -4.67 -4.11 1.44
N CYS A 18 -4.64 -3.29 0.39
CA CYS A 18 -5.76 -3.24 -0.57
C CYS A 18 -5.28 -3.61 -1.97
N GLY A 19 -4.17 -3.01 -2.39
CA GLY A 19 -3.64 -3.28 -3.71
C GLY A 19 -3.44 -2.02 -4.54
N LYS A 20 -2.92 -0.98 -3.90
CA LYS A 20 -2.68 0.29 -4.58
C LYS A 20 -1.21 0.67 -4.52
N ALA A 21 -0.60 0.83 -5.68
CA ALA A 21 0.81 1.20 -5.75
C ALA A 21 0.97 2.71 -5.94
N PHE A 22 2.21 3.18 -5.83
CA PHE A 22 2.49 4.61 -5.99
C PHE A 22 3.84 4.81 -6.67
N SER A 23 4.19 6.09 -6.91
CA SER A 23 5.45 6.42 -7.56
C SER A 23 6.59 6.43 -6.55
N SER A 24 6.34 7.00 -5.38
CA SER A 24 7.36 7.08 -4.33
C SER A 24 6.80 6.59 -3.00
N LYS A 25 7.66 6.53 -1.99
CA LYS A 25 7.25 6.08 -0.67
C LYS A 25 6.16 6.97 -0.10
N SER A 26 6.49 8.24 0.16
CA SER A 26 5.54 9.19 0.70
C SER A 26 4.15 8.96 0.12
N TYR A 27 4.03 9.15 -1.20
CA TYR A 27 2.75 8.98 -1.88
C TYR A 27 2.04 7.72 -1.38
N LEU A 28 2.81 6.66 -1.18
CA LEU A 28 2.26 5.40 -0.70
C LEU A 28 1.88 5.48 0.78
N ILE A 29 2.76 6.10 1.57
CA ILE A 29 2.52 6.25 2.99
C ILE A 29 1.26 7.06 3.26
N ILE A 30 1.18 8.24 2.65
CA ILE A 30 0.03 9.11 2.81
C ILE A 30 -1.28 8.34 2.64
N HIS A 31 -1.26 7.33 1.77
CA HIS A 31 -2.44 6.51 1.52
C HIS A 31 -2.72 5.60 2.71
N MET A 32 -1.69 4.95 3.22
CA MET A 32 -1.83 4.06 4.37
C MET A 32 -2.62 4.73 5.49
N ARG A 33 -2.55 6.05 5.54
CA ARG A 33 -3.25 6.82 6.56
C ARG A 33 -4.73 6.47 6.58
N THR A 34 -5.27 6.14 5.41
CA THR A 34 -6.69 5.78 5.29
C THR A 34 -6.98 4.47 5.98
N HIS A 35 -6.20 3.45 5.67
CA HIS A 35 -6.38 2.13 6.28
C HIS A 35 -6.21 2.20 7.80
N SER A 36 -5.15 2.87 8.23
CA SER A 36 -4.87 3.01 9.66
C SER A 36 -6.11 3.47 10.42
N GLY A 37 -6.81 2.51 11.02
CA GLY A 37 -8.02 2.83 11.76
C GLY A 37 -8.34 1.79 12.81
N GLU A 38 -8.71 2.23 14.01
CA GLU A 38 -9.05 1.33 15.10
C GLU A 38 -10.39 1.71 15.72
N LYS A 39 -11.23 0.71 15.96
CA LYS A 39 -12.54 0.94 16.55
C LYS A 39 -12.42 1.28 18.04
N PRO A 40 -13.29 2.17 18.52
CA PRO A 40 -13.30 2.60 19.92
C PRO A 40 -13.76 1.49 20.86
N SER A 41 -13.89 1.83 22.14
CA SER A 41 -14.33 0.85 23.14
C SER A 41 -15.79 1.09 23.53
N GLY A 42 -16.43 0.03 24.01
CA GLY A 42 -17.83 0.13 24.40
C GLY A 42 -18.73 -0.79 23.60
N PRO A 43 -20.04 -0.48 23.61
CA PRO A 43 -21.04 -1.28 22.89
C PRO A 43 -20.90 -1.14 21.38
N SER A 44 -20.01 -1.93 20.79
CA SER A 44 -19.79 -1.88 19.35
C SER A 44 -20.89 -2.64 18.60
N SER A 45 -21.43 -2.01 17.56
CA SER A 45 -22.49 -2.62 16.77
C SER A 45 -22.17 -2.54 15.28
N GLY A 46 -22.84 -3.37 14.50
CA GLY A 46 -22.62 -3.40 13.06
C GLY A 46 -22.29 -4.77 12.53
ZN ZN B . -4.33 0.59 0.57
N GLY A 1 -2.52 -28.39 -9.91
CA GLY A 1 -1.74 -27.24 -9.46
C GLY A 1 -2.54 -25.96 -9.50
N SER A 2 -1.86 -24.84 -9.24
CA SER A 2 -2.52 -23.53 -9.24
C SER A 2 -1.81 -22.58 -10.21
N SER A 3 -2.53 -21.54 -10.63
CA SER A 3 -1.99 -20.55 -11.55
C SER A 3 -1.83 -19.21 -10.88
N GLY A 4 -0.78 -18.48 -11.24
CA GLY A 4 -0.54 -17.17 -10.66
C GLY A 4 0.93 -16.96 -10.32
N SER A 5 1.68 -16.46 -11.29
CA SER A 5 3.11 -16.20 -11.09
C SER A 5 3.34 -15.23 -9.93
N SER A 6 2.74 -14.05 -10.03
CA SER A 6 2.88 -13.03 -8.99
C SER A 6 4.32 -12.59 -8.85
N GLY A 7 4.99 -12.41 -9.99
CA GLY A 7 6.38 -11.97 -9.98
C GLY A 7 6.54 -10.52 -10.36
N ALA A 8 5.85 -10.11 -11.42
CA ALA A 8 5.92 -8.73 -11.89
C ALA A 8 5.98 -7.76 -10.72
N GLY A 9 6.51 -6.56 -10.98
CA GLY A 9 6.61 -5.55 -9.93
C GLY A 9 7.13 -4.23 -10.46
N GLU A 10 6.22 -3.31 -10.73
CA GLU A 10 6.60 -1.99 -11.25
C GLU A 10 7.41 -1.22 -10.21
N LYS A 11 6.88 -1.14 -8.99
CA LYS A 11 7.56 -0.44 -7.91
C LYS A 11 7.58 -1.28 -6.63
N PRO A 12 8.62 -1.09 -5.82
CA PRO A 12 8.77 -1.82 -4.55
C PRO A 12 7.76 -1.39 -3.51
N TYR A 13 7.21 -0.18 -3.67
CA TYR A 13 6.23 0.35 -2.74
C TYR A 13 4.81 0.03 -3.21
N GLY A 14 4.17 -0.93 -2.53
CA GLY A 14 2.82 -1.30 -2.89
C GLY A 14 1.95 -1.57 -1.68
N CYS A 15 0.93 -0.72 -1.48
CA CYS A 15 0.02 -0.87 -0.36
C CYS A 15 -0.32 -2.34 -0.12
N SER A 16 0.23 -2.92 0.95
CA SER A 16 -0.02 -4.31 1.28
C SER A 16 -1.26 -4.45 2.16
N GLU A 17 -2.28 -3.65 1.86
CA GLU A 17 -3.52 -3.68 2.62
C GLU A 17 -4.71 -3.89 1.70
N CYS A 18 -4.63 -3.35 0.49
CA CYS A 18 -5.71 -3.47 -0.49
C CYS A 18 -5.16 -3.89 -1.85
N GLY A 19 -4.08 -3.23 -2.27
CA GLY A 19 -3.48 -3.54 -3.55
C GLY A 19 -3.21 -2.30 -4.39
N LYS A 20 -2.93 -1.19 -3.71
CA LYS A 20 -2.65 0.08 -4.40
C LYS A 20 -1.17 0.41 -4.33
N ALA A 21 -0.57 0.63 -5.50
CA ALA A 21 0.85 0.97 -5.57
C ALA A 21 1.04 2.44 -5.94
N PHE A 22 2.26 2.94 -5.72
CA PHE A 22 2.57 4.34 -6.02
C PHE A 22 3.96 4.45 -6.63
N SER A 23 4.37 5.69 -6.94
CA SER A 23 5.67 5.94 -7.55
C SER A 23 6.75 5.98 -6.48
N SER A 24 6.45 6.61 -5.35
CA SER A 24 7.40 6.73 -4.25
C SER A 24 6.75 6.33 -2.93
N LYS A 25 7.58 5.96 -1.97
CA LYS A 25 7.10 5.55 -0.65
C LYS A 25 6.13 6.59 -0.09
N SER A 26 6.62 7.83 0.06
CA SER A 26 5.80 8.91 0.59
C SER A 26 4.37 8.82 0.07
N TYR A 27 4.22 8.84 -1.25
CA TYR A 27 2.92 8.76 -1.88
C TYR A 27 2.09 7.63 -1.27
N LEU A 28 2.72 6.47 -1.09
CA LEU A 28 2.04 5.32 -0.52
C LEU A 28 1.64 5.58 0.92
N ILE A 29 2.51 6.26 1.67
CA ILE A 29 2.23 6.58 3.06
C ILE A 29 0.97 7.41 3.20
N ILE A 30 0.81 8.39 2.32
CA ILE A 30 -0.36 9.26 2.34
C ILE A 30 -1.64 8.46 2.15
N HIS A 31 -1.49 7.23 1.65
CA HIS A 31 -2.64 6.36 1.42
C HIS A 31 -2.85 5.40 2.60
N MET A 32 -1.76 4.84 3.09
CA MET A 32 -1.82 3.91 4.22
C MET A 32 -2.50 4.56 5.42
N ARG A 33 -2.45 5.88 5.48
CA ARG A 33 -3.06 6.63 6.58
C ARG A 33 -4.59 6.54 6.51
N THR A 34 -5.10 6.26 5.31
CA THR A 34 -6.54 6.14 5.10
C THR A 34 -7.06 4.79 5.58
N HIS A 35 -6.24 3.77 5.43
CA HIS A 35 -6.62 2.41 5.86
C HIS A 35 -6.76 2.35 7.38
N SER A 36 -5.75 2.82 8.09
CA SER A 36 -5.76 2.80 9.54
C SER A 36 -6.61 3.94 10.09
N GLY A 37 -6.97 3.85 11.37
CA GLY A 37 -7.78 4.88 11.99
C GLY A 37 -6.93 5.97 12.61
N GLU A 38 -6.78 5.92 13.93
CA GLU A 38 -6.00 6.93 14.65
C GLU A 38 -4.89 6.27 15.46
N LYS A 39 -3.65 6.63 15.17
CA LYS A 39 -2.50 6.08 15.88
C LYS A 39 -1.58 7.19 16.36
N PRO A 40 -0.82 6.91 17.44
CA PRO A 40 0.12 7.87 18.02
C PRO A 40 1.32 8.13 17.12
N SER A 41 1.31 7.51 15.94
CA SER A 41 2.40 7.68 14.99
C SER A 41 2.43 9.11 14.43
N GLY A 42 2.82 10.05 15.27
CA GLY A 42 2.88 11.44 14.85
C GLY A 42 3.58 12.33 15.85
N PRO A 43 4.29 13.35 15.36
CA PRO A 43 5.02 14.29 16.22
C PRO A 43 4.09 15.20 17.01
N SER A 44 3.13 15.80 16.32
CA SER A 44 2.17 16.70 16.96
C SER A 44 2.85 17.53 18.04
N SER A 45 4.03 18.05 17.73
CA SER A 45 4.79 18.86 18.67
C SER A 45 4.51 20.35 18.46
N GLY A 46 3.76 20.66 17.40
CA GLY A 46 3.43 22.04 17.09
C GLY A 46 3.73 22.40 15.65
ZN ZN B . -4.48 0.59 0.26
N GLY A 1 -0.23 -20.72 -18.84
CA GLY A 1 0.20 -19.97 -20.01
C GLY A 1 1.00 -18.74 -19.65
N SER A 2 0.88 -17.69 -20.46
CA SER A 2 1.58 -16.45 -20.22
C SER A 2 0.64 -15.26 -20.28
N SER A 3 0.43 -14.62 -19.13
CA SER A 3 -0.47 -13.46 -19.05
C SER A 3 -0.02 -12.37 -20.04
N GLY A 4 1.25 -12.02 -19.99
CA GLY A 4 1.77 -11.00 -20.88
C GLY A 4 1.83 -9.64 -20.22
N SER A 5 2.97 -9.33 -19.60
CA SER A 5 3.16 -8.05 -18.92
C SER A 5 4.29 -7.25 -19.55
N SER A 6 4.39 -5.98 -19.19
CA SER A 6 5.43 -5.11 -19.72
C SER A 6 6.81 -5.62 -19.35
N GLY A 7 7.80 -5.29 -20.17
CA GLY A 7 9.16 -5.72 -19.91
C GLY A 7 9.86 -4.86 -18.87
N ALA A 8 9.21 -4.69 -17.73
CA ALA A 8 9.77 -3.90 -16.65
C ALA A 8 9.65 -4.63 -15.30
N GLY A 9 10.41 -4.16 -14.31
CA GLY A 9 10.38 -4.77 -13.00
C GLY A 9 9.25 -4.25 -12.14
N GLU A 10 8.94 -4.97 -11.07
CA GLU A 10 7.87 -4.58 -10.16
C GLU A 10 8.27 -3.33 -9.38
N LYS A 11 7.27 -2.62 -8.86
CA LYS A 11 7.51 -1.41 -8.08
C LYS A 11 7.90 -1.75 -6.63
N PRO A 12 8.80 -0.96 -6.06
CA PRO A 12 9.27 -1.15 -4.68
C PRO A 12 8.19 -0.84 -3.66
N TYR A 13 7.29 0.07 -4.01
CA TYR A 13 6.21 0.47 -3.12
C TYR A 13 4.90 -0.22 -3.50
N GLY A 14 3.89 -0.07 -2.66
CA GLY A 14 2.60 -0.67 -2.93
C GLY A 14 1.84 -1.00 -1.67
N CYS A 15 0.59 -0.55 -1.59
CA CYS A 15 -0.25 -0.80 -0.42
C CYS A 15 -0.60 -2.28 -0.33
N SER A 16 -0.18 -2.91 0.78
CA SER A 16 -0.45 -4.33 1.00
C SER A 16 -1.67 -4.51 1.91
N GLU A 17 -2.70 -3.71 1.66
CA GLU A 17 -3.93 -3.79 2.46
C GLU A 17 -5.15 -3.93 1.56
N CYS A 18 -5.18 -3.13 0.49
CA CYS A 18 -6.30 -3.16 -0.45
C CYS A 18 -5.82 -3.59 -1.84
N GLY A 19 -4.73 -2.98 -2.30
CA GLY A 19 -4.19 -3.31 -3.60
C GLY A 19 -3.94 -2.08 -4.45
N LYS A 20 -3.11 -1.18 -3.95
CA LYS A 20 -2.79 0.05 -4.66
C LYS A 20 -1.27 0.24 -4.77
N ALA A 21 -0.85 1.12 -5.68
CA ALA A 21 0.57 1.39 -5.87
C ALA A 21 0.82 2.88 -6.02
N PHE A 22 2.09 3.28 -5.98
CA PHE A 22 2.47 4.67 -6.11
C PHE A 22 3.86 4.81 -6.72
N SER A 23 4.27 6.05 -6.97
CA SER A 23 5.57 6.32 -7.56
C SER A 23 6.67 6.32 -6.51
N SER A 24 6.42 7.01 -5.40
CA SER A 24 7.38 7.08 -4.31
C SER A 24 6.73 6.70 -2.99
N LYS A 25 7.55 6.30 -2.02
CA LYS A 25 7.06 5.91 -0.70
C LYS A 25 6.15 6.99 -0.13
N SER A 26 6.62 8.23 -0.11
CA SER A 26 5.85 9.34 0.42
C SER A 26 4.38 9.19 0.06
N TYR A 27 4.09 9.10 -1.24
CA TYR A 27 2.73 8.95 -1.72
C TYR A 27 2.02 7.80 -1.01
N LEU A 28 2.60 6.61 -1.11
CA LEU A 28 2.04 5.43 -0.47
C LEU A 28 1.67 5.71 0.98
N ILE A 29 2.61 6.28 1.72
CA ILE A 29 2.39 6.61 3.12
C ILE A 29 1.07 7.35 3.32
N ILE A 30 0.92 8.47 2.62
CA ILE A 30 -0.29 9.28 2.70
C ILE A 30 -1.54 8.41 2.54
N HIS A 31 -1.43 7.39 1.69
CA HIS A 31 -2.55 6.49 1.45
C HIS A 31 -2.70 5.49 2.58
N MET A 32 -1.58 4.99 3.08
CA MET A 32 -1.60 4.03 4.19
C MET A 32 -2.38 4.58 5.38
N ARG A 33 -2.55 5.90 5.41
CA ARG A 33 -3.27 6.55 6.49
C ARG A 33 -4.72 6.08 6.54
N THR A 34 -5.28 5.77 5.38
CA THR A 34 -6.66 5.31 5.29
C THR A 34 -6.84 3.97 5.99
N HIS A 35 -5.78 3.17 6.02
CA HIS A 35 -5.82 1.87 6.67
C HIS A 35 -5.40 1.98 8.13
N SER A 36 -6.15 2.76 8.90
CA SER A 36 -5.85 2.94 10.32
C SER A 36 -4.35 3.11 10.54
N GLY A 37 -3.72 3.95 9.71
CA GLY A 37 -2.30 4.18 9.83
C GLY A 37 -1.87 4.44 11.26
N GLU A 38 -1.88 5.70 11.66
CA GLU A 38 -1.49 6.07 13.03
C GLU A 38 -2.35 5.35 14.05
N LYS A 39 -1.82 4.26 14.61
CA LYS A 39 -2.55 3.48 15.60
C LYS A 39 -1.91 3.65 16.98
N PRO A 40 -2.76 3.85 18.00
CA PRO A 40 -2.30 4.03 19.38
C PRO A 40 -1.74 2.74 19.99
N SER A 41 -0.85 2.88 20.95
CA SER A 41 -0.23 1.73 21.60
C SER A 41 -0.73 1.58 23.03
N GLY A 42 -0.76 2.70 23.76
CA GLY A 42 -1.20 2.68 25.13
C GLY A 42 -0.23 1.97 26.05
N PRO A 43 0.80 2.69 26.51
CA PRO A 43 1.82 2.14 27.40
C PRO A 43 1.28 1.87 28.79
N SER A 44 0.00 2.14 29.00
CA SER A 44 -0.65 1.92 30.29
C SER A 44 -1.51 0.66 30.27
N SER A 45 -0.91 -0.46 30.64
CA SER A 45 -1.62 -1.73 30.66
C SER A 45 -2.48 -1.86 31.93
N GLY A 46 -3.24 -0.82 32.23
CA GLY A 46 -4.09 -0.82 33.40
C GLY A 46 -3.31 -0.59 34.68
ZN ZN B . -4.76 0.70 0.60
#